data_6K8V
#
_entry.id   6K8V
#
_cell.length_a   85.637
_cell.length_b   109.072
_cell.length_c   129.422
_cell.angle_alpha   90.000
_cell.angle_beta   90.000
_cell.angle_gamma   90.000
#
_symmetry.space_group_name_H-M   'P 21 21 21'
#
loop_
_entity.id
_entity.type
_entity.pdbx_description
1 polymer 'NAD-dependent epimerase/dehydratase:Short-chain dehydrogenase/reductase SDR'
2 non-polymer 'SULFATE ION'
3 non-polymer GLYCEROL
4 water water
#
_entity_poly.entity_id   1
_entity_poly.type   'polypeptide(L)'
_entity_poly.pdbx_seq_one_letter_code
;MAKSKAAAAAPALQGDVPGRLAGKIAVVTGAAGNLGGHIVTHYLAEGATVVMTGRTPDRTKAAADALLKSTGADPSRLAT
VALDGGDIASVRAAIAEVVQKFGRIDILVNNAGSAGPKQPIENLPLSPEELAALQKTGSTDSETVADALRNIFGVAWNVA
RVAAPHIPEGGSIINVSTIFSRTPYYARAAYVVPKAAMNAWSRELSLELGPKGIRVNLVYPGPIESERIRSVFAAMDAAR
GDEAGTTATQFFDMMSLERATGGNEKAKTFPTPEDIATTCVFLGSDESAAYNGHDFEVTHGMSVRKEQRSTYLARPTMRS
MDGTGLAVLIAAGDDWEEALEIAQVQLACGAQVVLGLPRAADVAIAEKRCKALGLTEGLSIIRFSRKDPAAMEAALEEYT
RGGTPISGALFMPALGAGELSGAVTEAEDNAVEALMDAELAGNMALARTMSRYWKRHDNLLQPPRFVFVSHASDGKGDIY
GHILRAATEQLIRIWRDESEIDTAHGRRRQAEWGNQIVRFTNTEAENIRFTAGHAARILLKESKLGEITLYVPANIGEAT
GARKAMPLEHHHHHH
;
_entity_poly.pdbx_strand_id   A,B
#
# COMPACT_ATOMS: atom_id res chain seq x y z
N PRO A 18 -21.48 -17.51 -26.03
CA PRO A 18 -20.62 -18.56 -25.41
C PRO A 18 -20.20 -18.23 -23.97
N GLY A 19 -20.04 -19.24 -23.11
CA GLY A 19 -19.55 -19.05 -21.73
C GLY A 19 -18.30 -18.19 -21.73
N ARG A 20 -18.18 -17.28 -20.76
CA ARG A 20 -16.93 -16.51 -20.51
C ARG A 20 -15.85 -17.44 -19.96
N LEU A 21 -16.23 -18.66 -19.58
CA LEU A 21 -15.30 -19.69 -19.02
C LEU A 21 -15.33 -20.92 -19.93
N ALA A 22 -15.91 -20.80 -21.13
CA ALA A 22 -16.06 -21.94 -22.08
C ALA A 22 -14.72 -22.67 -22.20
N GLY A 23 -14.68 -23.95 -21.92
CA GLY A 23 -13.55 -24.82 -22.28
C GLY A 23 -12.59 -25.00 -21.13
N LYS A 24 -12.85 -24.40 -19.95
CA LYS A 24 -11.90 -24.43 -18.80
C LYS A 24 -12.28 -25.52 -17.80
N ILE A 25 -11.26 -26.15 -17.24
CA ILE A 25 -11.39 -27.04 -16.06
C ILE A 25 -11.08 -26.16 -14.85
N ALA A 26 -11.99 -26.08 -13.89
CA ALA A 26 -11.82 -25.32 -12.65
C ALA A 26 -11.76 -26.31 -11.49
N VAL A 27 -10.83 -26.14 -10.56
CA VAL A 27 -10.86 -26.80 -9.23
C VAL A 27 -11.26 -25.73 -8.20
N VAL A 28 -12.36 -25.90 -7.48
CA VAL A 28 -12.77 -25.02 -6.34
C VAL A 28 -12.67 -25.81 -5.03
N THR A 29 -11.69 -25.49 -4.16
CA THR A 29 -11.53 -26.10 -2.81
C THR A 29 -12.58 -25.51 -1.85
N GLY A 30 -13.08 -26.29 -0.87
CA GLY A 30 -14.22 -25.93 -0.01
C GLY A 30 -15.40 -25.41 -0.83
N ALA A 31 -15.77 -26.14 -1.88
CA ALA A 31 -16.90 -25.75 -2.74
C ALA A 31 -18.24 -25.97 -2.02
N ALA A 32 -18.24 -26.64 -0.86
CA ALA A 32 -19.49 -27.04 -0.15
C ALA A 32 -20.15 -25.84 0.55
N GLY A 33 -19.39 -24.80 0.91
CA GLY A 33 -19.82 -23.66 1.73
C GLY A 33 -20.53 -22.59 0.90
N ASN A 34 -20.77 -21.43 1.52
CA ASN A 34 -21.66 -20.37 1.02
C ASN A 34 -21.01 -19.77 -0.23
N LEU A 35 -19.72 -19.34 -0.12
CA LEU A 35 -18.97 -18.73 -1.24
C LEU A 35 -18.72 -19.82 -2.29
N GLY A 36 -18.27 -20.98 -1.83
CA GLY A 36 -18.10 -22.17 -2.68
C GLY A 36 -19.30 -22.37 -3.62
N GLY A 37 -20.49 -22.51 -3.05
CA GLY A 37 -21.72 -22.79 -3.79
C GLY A 37 -21.90 -21.78 -4.89
N HIS A 38 -21.84 -20.49 -4.57
CA HIS A 38 -22.02 -19.37 -5.53
C HIS A 38 -20.95 -19.39 -6.64
N ILE A 39 -19.70 -19.72 -6.27
CA ILE A 39 -18.58 -19.79 -7.25
C ILE A 39 -18.86 -20.92 -8.26
N VAL A 40 -19.21 -22.10 -7.76
CA VAL A 40 -19.51 -23.25 -8.63
C VAL A 40 -20.71 -22.84 -9.49
N THR A 41 -21.74 -22.25 -8.90
CA THR A 41 -22.97 -21.89 -9.65
C THR A 41 -22.56 -21.01 -10.83
N HIS A 42 -21.82 -19.93 -10.56
CA HIS A 42 -21.43 -18.88 -11.54
C HIS A 42 -20.52 -19.51 -12.61
N TYR A 43 -19.57 -20.34 -12.20
CA TYR A 43 -18.63 -21.03 -13.11
C TYR A 43 -19.42 -21.95 -14.06
N LEU A 44 -20.39 -22.72 -13.54
CA LEU A 44 -21.20 -23.67 -14.36
C LEU A 44 -22.01 -22.84 -15.37
N ALA A 45 -22.56 -21.73 -14.92
CA ALA A 45 -23.27 -20.77 -15.77
C ALA A 45 -22.37 -20.29 -16.91
N GLU A 46 -21.05 -20.23 -16.71
CA GLU A 46 -20.14 -19.60 -17.71
C GLU A 46 -19.42 -20.69 -18.54
N GLY A 47 -19.83 -21.97 -18.44
CA GLY A 47 -19.37 -23.04 -19.32
C GLY A 47 -18.21 -23.81 -18.72
N ALA A 48 -17.80 -23.48 -17.52
CA ALA A 48 -16.68 -24.20 -16.89
C ALA A 48 -17.09 -25.64 -16.59
N THR A 49 -16.13 -26.55 -16.61
CA THR A 49 -16.20 -27.84 -15.89
C THR A 49 -15.55 -27.64 -14.53
N VAL A 50 -16.20 -28.08 -13.45
CA VAL A 50 -15.79 -27.81 -12.04
C VAL A 50 -15.56 -29.13 -11.29
N VAL A 51 -14.46 -29.22 -10.59
CA VAL A 51 -14.25 -30.31 -9.60
C VAL A 51 -14.32 -29.64 -8.22
N MET A 52 -15.28 -30.07 -7.41
CA MET A 52 -15.48 -29.59 -6.04
C MET A 52 -14.55 -30.41 -5.16
N THR A 53 -14.03 -29.77 -4.11
CA THR A 53 -13.10 -30.32 -3.10
C THR A 53 -13.76 -30.23 -1.72
N GLY A 54 -13.46 -31.19 -0.85
CA GLY A 54 -13.85 -31.15 0.57
C GLY A 54 -13.12 -32.23 1.29
N ARG A 55 -12.95 -32.11 2.61
CA ARG A 55 -12.38 -33.19 3.45
C ARG A 55 -13.39 -34.34 3.62
N THR A 56 -14.70 -34.03 3.55
CA THR A 56 -15.83 -34.94 3.87
C THR A 56 -16.68 -35.21 2.64
N PRO A 57 -16.45 -36.36 1.97
CA PRO A 57 -17.14 -36.74 0.74
C PRO A 57 -18.67 -36.71 0.91
N ASP A 58 -19.17 -37.24 2.03
CA ASP A 58 -20.64 -37.21 2.29
C ASP A 58 -21.11 -35.76 2.16
N ARG A 59 -20.35 -34.81 2.70
CA ARG A 59 -20.65 -33.34 2.64
C ARG A 59 -20.59 -32.86 1.19
N THR A 60 -19.45 -33.07 0.53
CA THR A 60 -19.18 -32.53 -0.83
C THR A 60 -20.19 -33.09 -1.83
N LYS A 61 -20.48 -34.38 -1.71
CA LYS A 61 -21.38 -35.13 -2.62
C LYS A 61 -22.80 -34.58 -2.51
N ALA A 62 -23.28 -34.31 -1.29
CA ALA A 62 -24.62 -33.71 -1.04
C ALA A 62 -24.67 -32.31 -1.64
N ALA A 63 -23.58 -31.56 -1.51
CA ALA A 63 -23.45 -30.18 -2.04
C ALA A 63 -23.48 -30.22 -3.56
N ALA A 64 -22.74 -31.15 -4.16
CA ALA A 64 -22.76 -31.33 -5.64
C ALA A 64 -24.19 -31.63 -6.10
N ASP A 65 -24.90 -32.51 -5.40
CA ASP A 65 -26.25 -32.96 -5.87
C ASP A 65 -27.20 -31.76 -5.81
N ALA A 66 -27.07 -30.93 -4.77
CA ALA A 66 -27.85 -29.68 -4.60
C ALA A 66 -27.64 -28.73 -5.79
N LEU A 67 -26.38 -28.56 -6.22
CA LEU A 67 -25.98 -27.60 -7.27
C LEU A 67 -26.36 -28.16 -8.64
N LEU A 68 -26.25 -29.46 -8.84
CA LEU A 68 -26.75 -30.06 -10.10
C LEU A 68 -28.24 -29.74 -10.27
N LYS A 69 -29.02 -29.63 -9.20
CA LYS A 69 -30.50 -29.41 -9.28
C LYS A 69 -30.79 -27.92 -9.48
N SER A 70 -30.10 -27.04 -8.75
CA SER A 70 -30.30 -25.57 -8.83
C SER A 70 -29.83 -25.06 -10.20
N THR A 71 -28.77 -25.64 -10.77
CA THR A 71 -28.19 -25.33 -12.11
C THR A 71 -28.48 -26.50 -13.03
N GLY A 72 -29.13 -26.31 -14.16
CA GLY A 72 -29.45 -27.44 -15.06
C GLY A 72 -28.18 -28.12 -15.56
N ALA A 73 -27.01 -27.82 -14.98
CA ALA A 73 -25.69 -28.29 -15.46
C ALA A 73 -25.76 -29.78 -15.76
N ASP A 74 -25.24 -30.21 -16.92
CA ASP A 74 -25.00 -31.64 -17.24
C ASP A 74 -24.07 -32.22 -16.19
N PRO A 75 -24.41 -33.40 -15.61
CA PRO A 75 -23.58 -34.03 -14.58
C PRO A 75 -22.11 -34.31 -14.97
N SER A 76 -21.79 -34.33 -16.27
CA SER A 76 -20.40 -34.54 -16.77
C SER A 76 -19.52 -33.33 -16.44
N ARG A 77 -20.13 -32.15 -16.32
CA ARG A 77 -19.47 -30.84 -16.02
C ARG A 77 -19.24 -30.61 -14.53
N LEU A 78 -19.58 -31.58 -13.67
CA LEU A 78 -19.34 -31.46 -12.21
C LEU A 78 -18.91 -32.80 -11.61
N ALA A 79 -17.83 -32.80 -10.83
CA ALA A 79 -17.32 -33.95 -10.08
C ALA A 79 -16.88 -33.45 -8.71
N THR A 80 -16.74 -34.32 -7.73
CA THR A 80 -16.21 -33.96 -6.39
C THR A 80 -14.99 -34.83 -6.13
N VAL A 81 -14.28 -34.58 -5.03
CA VAL A 81 -12.97 -35.21 -4.74
C VAL A 81 -12.59 -34.90 -3.30
N ALA A 82 -11.97 -35.87 -2.63
CA ALA A 82 -11.64 -35.86 -1.19
C ALA A 82 -10.22 -35.30 -1.04
N LEU A 83 -10.08 -34.26 -0.22
CA LEU A 83 -8.85 -33.47 -0.11
C LEU A 83 -8.74 -32.89 1.29
N ASP A 84 -7.76 -33.34 2.05
CA ASP A 84 -7.41 -32.78 3.38
C ASP A 84 -6.07 -32.03 3.23
N GLY A 85 -6.08 -30.70 3.25
CA GLY A 85 -4.88 -29.89 2.98
C GLY A 85 -3.81 -30.11 4.02
N GLY A 86 -4.15 -30.70 5.17
CA GLY A 86 -3.17 -31.06 6.22
C GLY A 86 -2.42 -32.35 5.90
N ASP A 87 -2.73 -32.99 4.78
CA ASP A 87 -2.16 -34.32 4.40
C ASP A 87 -1.85 -34.31 2.90
N ILE A 88 -0.57 -34.19 2.61
CA ILE A 88 -0.04 -33.91 1.25
C ILE A 88 -0.34 -35.09 0.32
N ALA A 89 -0.34 -36.34 0.84
CA ALA A 89 -0.77 -37.56 0.09
C ALA A 89 -2.20 -37.39 -0.45
N SER A 90 -3.14 -37.01 0.41
CA SER A 90 -4.55 -36.76 0.06
C SER A 90 -4.58 -35.78 -1.14
N VAL A 91 -3.75 -34.73 -1.10
CA VAL A 91 -3.76 -33.62 -2.10
C VAL A 91 -3.27 -34.19 -3.43
N ARG A 92 -2.17 -34.96 -3.38
CA ARG A 92 -1.52 -35.64 -4.55
C ARG A 92 -2.54 -36.52 -5.29
N ALA A 93 -3.27 -37.36 -4.53
CA ALA A 93 -4.30 -38.31 -5.03
C ALA A 93 -5.48 -37.53 -5.66
N ALA A 94 -5.90 -36.46 -5.01
CA ALA A 94 -7.02 -35.62 -5.49
C ALA A 94 -6.67 -34.99 -6.84
N ILE A 95 -5.48 -34.38 -6.95
CA ILE A 95 -5.12 -33.69 -8.22
C ILE A 95 -4.75 -34.74 -9.27
N ALA A 96 -4.11 -35.85 -8.87
CA ALA A 96 -3.90 -37.06 -9.73
C ALA A 96 -5.22 -37.45 -10.40
N GLU A 97 -6.29 -37.56 -9.61
CA GLU A 97 -7.67 -37.87 -10.08
C GLU A 97 -8.23 -36.79 -11.01
N VAL A 98 -7.90 -35.51 -10.79
CA VAL A 98 -8.47 -34.44 -11.66
C VAL A 98 -7.81 -34.56 -13.02
N VAL A 99 -6.48 -34.77 -13.03
CA VAL A 99 -5.61 -34.78 -14.25
C VAL A 99 -6.01 -35.98 -15.13
N GLN A 100 -6.34 -37.09 -14.47
CA GLN A 100 -6.83 -38.33 -15.10
C GLN A 100 -8.18 -38.10 -15.79
N LYS A 101 -9.14 -37.50 -15.09
CA LYS A 101 -10.46 -37.18 -15.69
C LYS A 101 -10.43 -36.08 -16.76
N PHE A 102 -9.67 -35.01 -16.59
CA PHE A 102 -9.79 -33.79 -17.43
C PHE A 102 -8.46 -33.33 -18.05
N GLY A 103 -7.33 -33.94 -17.70
CA GLY A 103 -6.03 -33.70 -18.37
C GLY A 103 -5.29 -32.46 -17.84
N ARG A 104 -5.99 -31.47 -17.30
CA ARG A 104 -5.32 -30.23 -16.83
C ARG A 104 -6.22 -29.38 -15.90
N ILE A 105 -5.61 -28.37 -15.26
CA ILE A 105 -6.30 -27.39 -14.38
C ILE A 105 -6.10 -25.99 -14.96
N ASP A 106 -7.13 -25.41 -15.56
CA ASP A 106 -7.10 -24.04 -16.09
C ASP A 106 -7.21 -23.01 -14.96
N ILE A 107 -8.04 -23.28 -13.95
CA ILE A 107 -8.38 -22.34 -12.86
C ILE A 107 -8.37 -23.11 -11.53
N LEU A 108 -7.63 -22.61 -10.56
CA LEU A 108 -7.63 -23.17 -9.18
C LEU A 108 -8.17 -22.10 -8.25
N VAL A 109 -9.31 -22.35 -7.63
CA VAL A 109 -9.87 -21.39 -6.64
C VAL A 109 -9.63 -21.99 -5.26
N ASN A 110 -8.60 -21.46 -4.59
CA ASN A 110 -8.22 -21.86 -3.22
C ASN A 110 -9.17 -21.17 -2.27
N ASN A 111 -10.38 -21.73 -2.10
CA ASN A 111 -11.47 -21.13 -1.28
C ASN A 111 -11.58 -21.89 0.02
N ALA A 112 -10.99 -23.08 0.10
CA ALA A 112 -11.04 -23.93 1.30
C ALA A 112 -10.57 -23.08 2.47
N GLY A 113 -11.19 -23.26 3.63
CA GLY A 113 -10.65 -22.76 4.90
C GLY A 113 -11.67 -22.83 6.00
N SER A 114 -11.19 -22.83 7.25
CA SER A 114 -12.03 -22.98 8.45
C SER A 114 -12.05 -21.72 9.31
N ALA A 115 -13.07 -21.63 10.16
CA ALA A 115 -13.24 -20.51 11.10
C ALA A 115 -12.14 -20.50 12.17
N GLY A 116 -11.70 -21.66 12.66
CA GLY A 116 -10.67 -21.76 13.71
C GLY A 116 -11.20 -21.55 15.13
N PRO A 117 -10.45 -21.79 16.20
CA PRO A 117 -11.00 -21.58 17.53
C PRO A 117 -11.31 -20.10 17.78
N LYS A 118 -12.53 -19.79 18.22
CA LYS A 118 -12.94 -18.39 18.50
C LYS A 118 -12.58 -18.16 19.96
N GLN A 119 -11.44 -17.53 20.15
CA GLN A 119 -10.77 -17.48 21.46
C GLN A 119 -9.88 -16.23 21.41
N PRO A 120 -9.92 -15.34 22.42
CA PRO A 120 -8.89 -14.33 22.58
C PRO A 120 -7.51 -14.98 22.79
N ILE A 121 -6.48 -14.32 22.27
CA ILE A 121 -5.07 -14.82 22.31
C ILE A 121 -4.80 -15.47 23.67
N GLU A 122 -5.30 -14.90 24.75
CA GLU A 122 -5.00 -15.31 26.15
C GLU A 122 -5.54 -16.73 26.41
N ASN A 123 -6.43 -17.24 25.56
CA ASN A 123 -7.13 -18.54 25.80
C ASN A 123 -7.05 -19.42 24.56
N LEU A 124 -6.00 -19.27 23.74
CA LEU A 124 -5.86 -20.06 22.48
C LEU A 124 -5.65 -21.52 22.86
N PRO A 125 -6.45 -22.44 22.32
CA PRO A 125 -6.21 -23.87 22.55
C PRO A 125 -5.07 -24.37 21.66
N LEU A 126 -4.05 -25.01 22.24
CA LEU A 126 -2.85 -25.46 21.48
C LEU A 126 -2.76 -27.00 21.42
N SER A 127 -3.05 -27.68 22.52
CA SER A 127 -3.07 -29.16 22.66
C SER A 127 -4.50 -29.70 22.52
N PRO A 128 -4.71 -30.91 21.95
CA PRO A 128 -6.02 -31.57 21.96
C PRO A 128 -6.79 -31.54 23.29
N GLU A 129 -6.09 -31.68 24.42
CA GLU A 129 -6.71 -31.68 25.79
C GLU A 129 -7.39 -30.34 26.04
N GLU A 130 -6.68 -29.24 25.77
CA GLU A 130 -7.19 -27.83 25.81
C GLU A 130 -8.44 -27.70 24.94
N LEU A 131 -8.43 -28.29 23.74
CA LEU A 131 -9.62 -28.27 22.83
C LEU A 131 -10.77 -29.10 23.41
N ALA A 132 -10.47 -30.33 23.86
CA ALA A 132 -11.44 -31.19 24.59
C ALA A 132 -12.06 -30.41 25.76
N ALA A 133 -11.22 -29.80 26.62
CA ALA A 133 -11.67 -28.95 27.74
C ALA A 133 -12.70 -27.93 27.23
N LEU A 134 -12.44 -27.26 26.10
CA LEU A 134 -13.30 -26.18 25.54
C LEU A 134 -14.68 -26.73 25.14
N GLN A 135 -14.76 -28.01 24.80
CA GLN A 135 -15.96 -28.58 24.15
C GLN A 135 -17.00 -28.98 25.20
N LYS A 136 -16.53 -29.39 26.37
CA LYS A 136 -17.40 -29.64 27.55
C LYS A 136 -18.00 -28.30 27.98
N THR A 137 -17.28 -27.22 27.64
CA THR A 137 -17.60 -25.81 27.94
C THR A 137 -18.76 -25.29 27.10
N GLY A 138 -19.13 -25.98 26.02
CA GLY A 138 -20.25 -25.49 25.20
C GLY A 138 -19.82 -24.59 24.06
N SER A 139 -18.52 -24.31 23.91
CA SER A 139 -18.08 -23.54 22.73
C SER A 139 -18.08 -24.49 21.52
N THR A 140 -18.29 -23.96 20.32
CA THR A 140 -18.38 -24.74 19.06
C THR A 140 -16.99 -24.96 18.47
N ASP A 141 -15.96 -24.78 19.28
CA ASP A 141 -14.54 -24.87 18.84
C ASP A 141 -14.19 -26.33 18.54
N SER A 142 -13.80 -26.63 17.31
CA SER A 142 -13.44 -28.00 16.88
C SER A 142 -11.97 -28.08 16.45
N GLU A 143 -11.25 -26.97 16.52
CA GLU A 143 -9.85 -26.95 16.04
C GLU A 143 -8.87 -26.38 17.07
N THR A 144 -7.65 -26.91 17.00
CA THR A 144 -6.44 -26.43 17.71
C THR A 144 -5.83 -25.29 16.89
N VAL A 145 -4.86 -24.54 17.42
CA VAL A 145 -4.25 -23.44 16.61
C VAL A 145 -3.59 -24.06 15.37
N ALA A 146 -2.84 -25.14 15.57
CA ALA A 146 -2.15 -25.93 14.51
C ALA A 146 -3.17 -26.42 13.48
N ASP A 147 -4.34 -26.90 13.92
CA ASP A 147 -5.43 -27.42 13.06
C ASP A 147 -5.90 -26.30 12.14
N ALA A 148 -6.07 -25.10 12.70
CA ALA A 148 -6.55 -23.90 11.97
C ALA A 148 -5.54 -23.48 10.89
N LEU A 149 -4.26 -23.53 11.27
CA LEU A 149 -3.10 -23.30 10.38
C LEU A 149 -3.16 -24.18 9.13
N ARG A 150 -3.38 -25.49 9.30
CA ARG A 150 -3.36 -26.45 8.17
C ARG A 150 -4.64 -26.30 7.37
N ASN A 151 -5.76 -26.06 8.05
CA ASN A 151 -7.08 -25.90 7.41
C ASN A 151 -7.20 -24.61 6.61
N ILE A 152 -6.56 -23.53 7.06
CA ILE A 152 -6.65 -22.21 6.38
C ILE A 152 -5.42 -21.94 5.52
N PHE A 153 -4.23 -22.28 6.02
CA PHE A 153 -2.97 -21.95 5.30
C PHE A 153 -2.37 -23.13 4.55
N GLY A 154 -2.22 -24.28 5.22
CA GLY A 154 -1.58 -25.45 4.63
C GLY A 154 -2.29 -25.97 3.39
N VAL A 155 -3.63 -25.95 3.38
CA VAL A 155 -4.38 -26.48 2.21
C VAL A 155 -4.04 -25.64 0.97
N ALA A 156 -4.00 -24.32 1.11
CA ALA A 156 -3.80 -23.42 -0.04
C ALA A 156 -2.39 -23.65 -0.58
N TRP A 157 -1.43 -23.77 0.33
CA TRP A 157 -0.01 -23.98 0.00
C TRP A 157 0.15 -25.31 -0.73
N ASN A 158 -0.35 -26.40 -0.13
CA ASN A 158 -0.28 -27.79 -0.67
C ASN A 158 -1.13 -27.89 -1.97
N VAL A 159 -2.35 -27.40 -2.01
CA VAL A 159 -3.16 -27.58 -3.25
C VAL A 159 -2.43 -26.89 -4.41
N ALA A 160 -1.94 -25.65 -4.22
CA ALA A 160 -1.35 -24.87 -5.34
C ALA A 160 -0.07 -25.59 -5.80
N ARG A 161 0.77 -26.03 -4.87
CA ARG A 161 2.06 -26.68 -5.27
C ARG A 161 1.82 -27.98 -6.04
N VAL A 162 0.84 -28.78 -5.65
CA VAL A 162 0.55 -30.06 -6.36
C VAL A 162 -0.13 -29.77 -7.72
N ALA A 163 -0.92 -28.72 -7.79
CA ALA A 163 -1.71 -28.35 -8.98
C ALA A 163 -0.86 -27.60 -9.99
N ALA A 164 0.20 -26.92 -9.55
CA ALA A 164 0.94 -25.93 -10.39
C ALA A 164 1.43 -26.59 -11.67
N PRO A 165 2.11 -27.76 -11.58
CA PRO A 165 2.63 -28.43 -12.76
C PRO A 165 1.57 -28.74 -13.82
N HIS A 166 0.29 -28.85 -13.45
CA HIS A 166 -0.82 -29.29 -14.34
C HIS A 166 -1.61 -28.07 -14.84
N ILE A 167 -1.13 -26.84 -14.54
CA ILE A 167 -1.77 -25.56 -14.97
C ILE A 167 -0.99 -25.07 -16.18
N PRO A 168 -1.65 -24.87 -17.34
CA PRO A 168 -1.01 -24.36 -18.53
C PRO A 168 -0.71 -22.87 -18.41
N GLU A 169 0.21 -22.34 -19.23
CA GLU A 169 0.44 -20.89 -19.31
C GLU A 169 -0.89 -20.27 -19.78
N GLY A 170 -1.21 -19.07 -19.29
CA GLY A 170 -2.55 -18.46 -19.37
C GLY A 170 -3.43 -18.93 -18.22
N GLY A 171 -2.93 -19.82 -17.36
CA GLY A 171 -3.64 -20.34 -16.19
C GLY A 171 -3.88 -19.26 -15.14
N SER A 172 -4.79 -19.53 -14.19
CA SER A 172 -5.30 -18.56 -13.19
C SER A 172 -5.41 -19.25 -11.82
N ILE A 173 -4.66 -18.76 -10.83
CA ILE A 173 -4.84 -19.16 -9.42
C ILE A 173 -5.51 -17.99 -8.69
N ILE A 174 -6.67 -18.26 -8.06
CA ILE A 174 -7.46 -17.29 -7.26
C ILE A 174 -7.36 -17.75 -5.81
N ASN A 175 -6.63 -17.01 -4.97
CA ASN A 175 -6.55 -17.28 -3.51
C ASN A 175 -7.63 -16.44 -2.83
N VAL A 176 -8.51 -17.06 -2.04
CA VAL A 176 -9.59 -16.36 -1.29
C VAL A 176 -9.15 -16.22 0.17
N SER A 177 -8.82 -14.98 0.56
CA SER A 177 -8.51 -14.54 1.94
C SER A 177 -9.74 -13.86 2.56
N THR A 178 -9.51 -12.80 3.33
CA THR A 178 -10.54 -12.03 4.05
C THR A 178 -9.94 -10.67 4.42
N ILE A 179 -10.70 -9.58 4.24
CA ILE A 179 -10.24 -8.25 4.68
C ILE A 179 -9.85 -8.34 6.16
N PHE A 180 -10.55 -9.16 6.92
CA PHE A 180 -10.33 -9.27 8.38
C PHE A 180 -8.88 -9.73 8.62
N SER A 181 -8.13 -10.15 7.60
CA SER A 181 -6.69 -10.51 7.71
C SER A 181 -5.85 -9.25 7.95
N ARG A 182 -6.43 -8.05 7.75
CA ARG A 182 -5.74 -6.74 7.83
C ARG A 182 -6.44 -5.77 8.82
N THR A 183 -7.42 -6.22 9.58
CA THR A 183 -8.15 -5.36 10.53
C THR A 183 -8.05 -5.97 11.91
N PRO A 184 -8.43 -5.26 13.00
CA PRO A 184 -8.58 -5.91 14.28
C PRO A 184 -9.77 -6.88 14.13
N TYR A 185 -9.72 -8.04 14.81
CA TYR A 185 -10.82 -9.03 14.77
C TYR A 185 -10.82 -9.77 16.11
N TYR A 186 -11.56 -9.28 17.09
CA TYR A 186 -11.47 -9.80 18.47
C TYR A 186 -11.74 -11.31 18.54
N ALA A 187 -10.83 -12.01 19.21
CA ALA A 187 -10.90 -13.45 19.49
C ALA A 187 -10.86 -14.28 18.20
N ARG A 188 -10.26 -13.77 17.13
CA ARG A 188 -10.08 -14.53 15.86
C ARG A 188 -8.59 -14.60 15.43
N ALA A 189 -7.63 -14.47 16.33
CA ALA A 189 -6.19 -14.66 15.97
C ALA A 189 -6.01 -15.95 15.15
N ALA A 190 -6.52 -17.08 15.63
CA ALA A 190 -6.34 -18.42 15.01
C ALA A 190 -6.89 -18.47 13.56
N TYR A 191 -7.76 -17.53 13.18
CA TYR A 191 -8.38 -17.42 11.83
C TYR A 191 -7.55 -16.47 10.96
N VAL A 192 -7.37 -15.23 11.42
CA VAL A 192 -6.79 -14.09 10.64
C VAL A 192 -5.26 -14.19 10.49
N VAL A 193 -4.53 -14.78 11.45
CA VAL A 193 -3.06 -14.90 11.38
C VAL A 193 -2.71 -15.83 10.21
N PRO A 194 -3.28 -17.07 10.16
CA PRO A 194 -3.07 -17.95 9.02
C PRO A 194 -3.47 -17.29 7.70
N LYS A 195 -4.55 -16.51 7.69
CA LYS A 195 -4.98 -15.82 6.46
C LYS A 195 -3.97 -14.74 6.04
N ALA A 196 -3.33 -14.04 7.01
CA ALA A 196 -2.23 -13.05 6.80
C ALA A 196 -1.06 -13.75 6.11
N ALA A 197 -0.48 -14.78 6.75
CA ALA A 197 0.53 -15.70 6.19
C ALA A 197 0.12 -16.05 4.75
N MET A 198 -1.13 -16.45 4.58
CA MET A 198 -1.68 -16.84 3.25
C MET A 198 -1.47 -15.67 2.28
N ASN A 199 -1.80 -14.43 2.63
CA ASN A 199 -1.70 -13.26 1.69
C ASN A 199 -0.26 -13.10 1.15
N ALA A 200 0.72 -13.25 2.03
CA ALA A 200 2.16 -13.06 1.75
C ALA A 200 2.63 -14.20 0.86
N TRP A 201 2.26 -15.45 1.21
CA TRP A 201 2.45 -16.66 0.35
C TRP A 201 1.87 -16.41 -1.06
N SER A 202 0.66 -15.90 -1.17
CA SER A 202 0.04 -15.70 -2.52
C SER A 202 0.95 -14.78 -3.35
N ARG A 203 1.50 -13.75 -2.72
CA ARG A 203 2.45 -12.83 -3.40
C ARG A 203 3.73 -13.60 -3.81
N GLU A 204 4.31 -14.44 -2.94
CA GLU A 204 5.50 -15.25 -3.32
C GLU A 204 5.17 -16.16 -4.51
N LEU A 205 4.04 -16.86 -4.49
CA LEU A 205 3.61 -17.75 -5.59
C LEU A 205 3.38 -16.92 -6.87
N SER A 206 2.93 -15.70 -6.74
CA SER A 206 2.86 -14.69 -7.81
C SER A 206 4.20 -14.59 -8.54
N LEU A 207 5.30 -14.60 -7.77
CA LEU A 207 6.66 -14.29 -8.30
C LEU A 207 7.26 -15.55 -8.89
N GLU A 208 6.95 -16.71 -8.30
CA GLU A 208 7.43 -18.05 -8.70
C GLU A 208 6.71 -18.50 -9.99
N LEU A 209 5.41 -18.27 -10.14
CA LEU A 209 4.66 -18.90 -11.24
C LEU A 209 4.43 -17.91 -12.37
N GLY A 210 4.45 -16.59 -12.09
CA GLY A 210 4.21 -15.54 -13.09
C GLY A 210 5.11 -15.69 -14.32
N PRO A 211 6.41 -16.01 -14.11
CA PRO A 211 7.32 -16.30 -15.21
C PRO A 211 6.91 -17.52 -16.04
N LYS A 212 6.34 -18.55 -15.41
CA LYS A 212 5.72 -19.68 -16.14
C LYS A 212 4.47 -19.21 -16.90
N GLY A 213 4.04 -17.95 -16.76
CA GLY A 213 2.78 -17.42 -17.37
C GLY A 213 1.52 -17.88 -16.62
N ILE A 214 1.67 -18.26 -15.35
CA ILE A 214 0.53 -18.67 -14.48
C ILE A 214 0.22 -17.49 -13.55
N ARG A 215 -0.94 -16.86 -13.70
CA ARG A 215 -1.25 -15.71 -12.82
C ARG A 215 -1.78 -16.16 -11.47
N VAL A 216 -1.41 -15.43 -10.44
CA VAL A 216 -1.79 -15.69 -9.02
C VAL A 216 -2.36 -14.38 -8.46
N ASN A 217 -3.62 -14.40 -8.04
CA ASN A 217 -4.34 -13.18 -7.56
C ASN A 217 -5.13 -13.50 -6.28
N LEU A 218 -5.40 -12.46 -5.50
CA LEU A 218 -5.83 -12.55 -4.10
C LEU A 218 -7.17 -11.82 -3.95
N VAL A 219 -8.22 -12.57 -3.60
CA VAL A 219 -9.57 -12.01 -3.32
C VAL A 219 -9.71 -11.79 -1.81
N TYR A 220 -10.02 -10.55 -1.44
CA TYR A 220 -10.30 -10.09 -0.06
C TYR A 220 -11.79 -9.74 0.03
N PRO A 221 -12.63 -10.73 0.40
CA PRO A 221 -14.04 -10.46 0.67
C PRO A 221 -14.13 -9.68 2.00
N GLY A 222 -15.04 -8.69 2.00
CA GLY A 222 -15.55 -8.01 3.20
C GLY A 222 -16.42 -8.96 4.05
N PRO A 223 -17.03 -8.46 5.13
CA PRO A 223 -17.97 -9.29 5.88
C PRO A 223 -19.09 -9.57 4.90
N ILE A 224 -19.39 -10.85 4.65
CA ILE A 224 -20.35 -11.34 3.61
C ILE A 224 -21.80 -11.39 4.12
N GLU A 225 -22.75 -10.93 3.31
CA GLU A 225 -24.19 -10.92 3.67
C GLU A 225 -24.63 -12.36 3.99
N SER A 226 -25.17 -12.52 5.19
CA SER A 226 -25.71 -13.80 5.72
C SER A 226 -26.60 -13.48 6.92
N GLU A 227 -27.51 -14.37 7.30
CA GLU A 227 -28.26 -14.10 8.55
C GLU A 227 -27.34 -14.33 9.75
N ARG A 228 -26.55 -15.40 9.69
CA ARG A 228 -25.66 -15.82 10.80
C ARG A 228 -24.58 -14.76 11.07
N ILE A 229 -23.99 -14.21 10.01
CA ILE A 229 -22.81 -13.28 10.14
C ILE A 229 -23.23 -11.98 10.86
N ARG A 230 -24.49 -11.56 10.82
CA ARG A 230 -24.94 -10.31 11.50
C ARG A 230 -25.09 -10.57 13.03
N SER A 231 -25.18 -11.84 13.42
CA SER A 231 -25.30 -12.30 14.82
C SER A 231 -23.94 -12.78 15.35
N VAL A 232 -23.13 -13.44 14.52
CA VAL A 232 -21.65 -13.60 14.73
C VAL A 232 -21.05 -12.23 15.15
N PHE A 233 -21.62 -11.11 14.68
CA PHE A 233 -21.20 -9.72 15.02
C PHE A 233 -21.78 -9.30 16.38
N ALA A 234 -23.04 -9.64 16.66
CA ALA A 234 -23.64 -9.51 18.01
C ALA A 234 -22.89 -10.44 18.98
N ALA A 235 -22.45 -11.62 18.52
CA ALA A 235 -21.59 -12.55 19.31
C ALA A 235 -20.30 -11.81 19.68
N MET A 236 -19.47 -11.48 18.69
CA MET A 236 -18.17 -10.79 18.87
C MET A 236 -18.36 -9.55 19.75
N ASP A 237 -19.47 -8.81 19.57
CA ASP A 237 -19.89 -7.59 20.36
C ASP A 237 -19.96 -7.94 21.85
N ALA A 238 -20.47 -9.13 22.17
CA ALA A 238 -20.69 -9.61 23.56
C ALA A 238 -19.35 -10.00 24.19
N ALA A 239 -18.55 -10.78 23.45
CA ALA A 239 -17.21 -11.27 23.83
C ALA A 239 -16.38 -10.12 24.43
N ARG A 240 -16.34 -8.99 23.69
CA ARG A 240 -15.67 -7.71 24.06
C ARG A 240 -16.42 -6.92 25.15
N GLY A 241 -17.75 -6.95 25.16
CA GLY A 241 -18.64 -6.22 26.09
C GLY A 241 -18.90 -4.78 25.65
N ASP A 242 -18.99 -4.53 24.34
CA ASP A 242 -19.55 -3.30 23.74
C ASP A 242 -21.07 -3.50 23.54
N GLU A 243 -21.85 -2.43 23.42
CA GLU A 243 -23.29 -2.54 23.05
C GLU A 243 -23.36 -3.33 21.72
N ALA A 244 -24.45 -4.06 21.47
CA ALA A 244 -24.73 -4.76 20.19
C ALA A 244 -24.89 -3.73 19.06
N GLY A 245 -24.33 -4.05 17.87
CA GLY A 245 -24.29 -3.16 16.69
C GLY A 245 -22.96 -2.40 16.57
N THR A 246 -22.09 -2.46 17.60
CA THR A 246 -20.78 -1.74 17.69
C THR A 246 -19.81 -2.30 16.65
N THR A 247 -19.68 -3.62 16.55
CA THR A 247 -18.81 -4.34 15.58
C THR A 247 -19.30 -4.03 14.17
N ALA A 248 -20.59 -4.23 13.89
CA ALA A 248 -21.26 -3.86 12.63
C ALA A 248 -20.79 -2.46 12.23
N THR A 249 -20.78 -1.54 13.21
CA THR A 249 -20.60 -0.09 12.99
C THR A 249 -19.12 0.17 12.75
N GLN A 250 -18.19 -0.53 13.44
CA GLN A 250 -16.73 -0.46 13.10
C GLN A 250 -16.58 -0.61 11.58
N PHE A 251 -16.91 -1.79 11.04
CA PHE A 251 -16.67 -2.17 9.63
C PHE A 251 -17.53 -1.27 8.73
N PHE A 252 -18.80 -1.01 9.05
CA PHE A 252 -19.66 -0.14 8.19
C PHE A 252 -19.01 1.23 7.99
N ASP A 253 -18.52 1.83 9.08
CA ASP A 253 -17.78 3.13 9.09
C ASP A 253 -16.47 3.06 8.27
N MET A 254 -15.79 1.92 8.20
CA MET A 254 -14.59 1.79 7.33
C MET A 254 -15.04 1.81 5.87
N MET A 255 -16.25 1.39 5.55
CA MET A 255 -16.72 1.36 4.14
C MET A 255 -16.99 2.79 3.67
N SER A 256 -16.84 3.05 2.38
CA SER A 256 -17.05 4.35 1.71
C SER A 256 -18.27 4.28 0.79
N LEU A 257 -18.63 3.06 0.36
CA LEU A 257 -19.75 2.85 -0.58
C LEU A 257 -21.03 2.40 0.14
N GLU A 258 -22.15 3.04 -0.19
CA GLU A 258 -23.52 2.68 0.24
C GLU A 258 -24.22 2.00 -0.94
N ARG A 259 -25.06 1.01 -0.65
CA ARG A 259 -25.67 0.16 -1.70
C ARG A 259 -27.03 -0.35 -1.23
N ALA A 260 -27.94 -0.53 -2.20
CA ALA A 260 -29.26 -1.20 -2.06
C ALA A 260 -29.14 -2.69 -2.42
N THR A 261 -29.04 -3.58 -1.42
CA THR A 261 -29.09 -5.06 -1.58
C THR A 261 -30.33 -5.61 -0.87
N GLY A 262 -30.80 -6.79 -1.30
CA GLY A 262 -31.93 -7.54 -0.70
C GLY A 262 -33.23 -6.75 -0.73
N GLY A 263 -33.44 -5.95 -1.79
CA GLY A 263 -34.56 -5.00 -1.91
C GLY A 263 -34.71 -4.04 -0.72
N ASN A 264 -33.70 -3.88 0.15
CA ASN A 264 -33.68 -2.84 1.24
C ASN A 264 -33.39 -1.51 0.53
N GLU A 265 -33.41 -0.39 1.25
CA GLU A 265 -33.04 0.88 0.58
C GLU A 265 -31.54 1.14 0.82
N LYS A 266 -30.95 2.00 0.00
CA LYS A 266 -29.50 2.35 0.02
C LYS A 266 -28.99 2.53 1.45
N ALA A 267 -27.87 1.89 1.80
CA ALA A 267 -27.29 1.92 3.16
C ALA A 267 -25.90 1.27 3.20
N LYS A 268 -25.22 1.45 4.33
CA LYS A 268 -24.01 0.68 4.67
C LYS A 268 -24.46 -0.76 4.92
N THR A 269 -24.24 -1.64 3.97
CA THR A 269 -24.62 -3.07 4.08
C THR A 269 -23.39 -3.91 3.70
N PHE A 270 -23.56 -5.22 3.63
CA PHE A 270 -22.47 -6.19 3.38
C PHE A 270 -22.45 -6.58 1.90
N PRO A 271 -21.25 -6.86 1.35
CA PRO A 271 -21.12 -7.43 0.02
C PRO A 271 -21.82 -8.79 0.00
N THR A 272 -22.32 -9.22 -1.16
CA THR A 272 -23.05 -10.50 -1.36
C THR A 272 -22.08 -11.57 -1.80
N PRO A 273 -22.41 -12.88 -1.63
CA PRO A 273 -21.63 -13.97 -2.20
C PRO A 273 -21.54 -13.89 -3.72
N GLU A 274 -22.59 -13.35 -4.36
CA GLU A 274 -22.66 -13.12 -5.81
C GLU A 274 -21.45 -12.23 -6.22
N ASP A 275 -21.18 -11.17 -5.44
CA ASP A 275 -20.09 -10.20 -5.69
C ASP A 275 -18.74 -10.93 -5.72
N ILE A 276 -18.48 -11.82 -4.74
CA ILE A 276 -17.29 -12.72 -4.74
C ILE A 276 -17.26 -13.59 -6.01
N ALA A 277 -18.35 -14.28 -6.35
CA ALA A 277 -18.35 -15.23 -7.50
C ALA A 277 -18.14 -14.46 -8.83
N THR A 278 -18.84 -13.36 -9.14
CA THR A 278 -18.60 -12.66 -10.44
C THR A 278 -17.14 -12.18 -10.49
N THR A 279 -16.53 -11.83 -9.35
CA THR A 279 -15.08 -11.50 -9.30
C THR A 279 -14.28 -12.74 -9.72
N CYS A 280 -14.59 -13.89 -9.16
CA CYS A 280 -13.89 -15.15 -9.50
C CYS A 280 -14.07 -15.47 -10.98
N VAL A 281 -15.26 -15.23 -11.54
CA VAL A 281 -15.48 -15.46 -12.99
C VAL A 281 -14.47 -14.58 -13.73
N PHE A 282 -14.33 -13.32 -13.34
CA PHE A 282 -13.51 -12.31 -14.06
C PHE A 282 -12.07 -12.77 -14.06
N LEU A 283 -11.56 -13.04 -12.86
CA LEU A 283 -10.18 -13.56 -12.62
C LEU A 283 -9.94 -14.93 -13.24
N GLY A 284 -10.95 -15.82 -13.30
CA GLY A 284 -10.77 -17.16 -13.91
C GLY A 284 -10.69 -17.07 -15.42
N SER A 285 -11.34 -16.07 -15.99
CA SER A 285 -11.46 -15.84 -17.45
C SER A 285 -10.17 -15.25 -18.01
N ASP A 286 -10.07 -15.29 -19.33
CA ASP A 286 -8.99 -14.67 -20.12
C ASP A 286 -9.13 -13.16 -20.06
N GLU A 287 -10.24 -12.60 -19.58
CA GLU A 287 -10.39 -11.13 -19.50
C GLU A 287 -9.41 -10.54 -18.47
N SER A 288 -8.89 -11.37 -17.57
CA SER A 288 -7.97 -10.93 -16.49
C SER A 288 -6.53 -11.40 -16.74
N ALA A 289 -6.18 -11.66 -18.00
CA ALA A 289 -4.87 -12.19 -18.41
C ALA A 289 -3.71 -11.27 -18.03
N ALA A 290 -3.95 -9.96 -17.93
CA ALA A 290 -2.93 -8.94 -17.64
C ALA A 290 -2.59 -8.80 -16.14
N TYR A 291 -3.38 -9.36 -15.21
CA TYR A 291 -3.18 -9.12 -13.76
C TYR A 291 -2.34 -10.25 -13.15
N ASN A 292 -1.34 -9.94 -12.32
CA ASN A 292 -0.60 -10.93 -11.48
C ASN A 292 -0.25 -10.24 -10.16
N GLY A 293 -0.30 -10.98 -9.04
CA GLY A 293 0.01 -10.54 -7.66
C GLY A 293 -0.90 -9.42 -7.21
N HIS A 294 -2.10 -9.34 -7.77
CA HIS A 294 -3.05 -8.22 -7.61
C HIS A 294 -4.11 -8.54 -6.53
N ASP A 295 -4.51 -7.54 -5.72
CA ASP A 295 -5.57 -7.67 -4.70
C ASP A 295 -6.93 -7.24 -5.28
N PHE A 296 -7.98 -8.00 -4.98
CA PHE A 296 -9.39 -7.67 -5.27
C PHE A 296 -10.19 -7.63 -3.95
N GLU A 297 -10.33 -6.42 -3.43
CA GLU A 297 -11.00 -6.17 -2.13
C GLU A 297 -12.49 -5.86 -2.36
N VAL A 298 -13.32 -6.89 -2.23
CA VAL A 298 -14.81 -6.81 -2.41
C VAL A 298 -15.36 -6.47 -1.02
N THR A 299 -15.21 -5.20 -0.64
CA THR A 299 -15.48 -4.72 0.74
C THR A 299 -16.31 -3.44 0.81
N HIS A 300 -16.91 -3.00 -0.30
CA HIS A 300 -17.62 -1.69 -0.37
C HIS A 300 -16.67 -0.56 0.01
N GLY A 301 -15.44 -0.60 -0.50
CA GLY A 301 -14.38 0.40 -0.25
C GLY A 301 -13.94 0.51 1.18
N MET A 302 -13.71 -0.60 1.86
CA MET A 302 -13.22 -0.48 3.25
C MET A 302 -11.79 0.08 3.24
N SER A 303 -11.59 1.17 3.96
CA SER A 303 -10.29 1.85 4.21
C SER A 303 -9.52 1.07 5.25
N VAL A 304 -8.75 0.10 4.79
CA VAL A 304 -7.66 -0.62 5.50
C VAL A 304 -6.38 -0.36 4.70
N ARG A 305 -5.24 -0.19 5.36
CA ARG A 305 -3.98 -0.03 4.58
C ARG A 305 -3.41 -1.42 4.29
N LYS A 306 -2.46 -1.48 3.36
CA LYS A 306 -1.78 -2.75 2.98
C LYS A 306 -0.88 -3.18 4.16
N GLU A 307 -0.14 -2.23 4.76
CA GLU A 307 0.83 -2.47 5.88
C GLU A 307 1.00 -1.19 6.73
N GLN A 308 0.74 -1.25 8.05
CA GLN A 308 1.11 -0.23 9.08
C GLN A 308 2.61 -0.38 9.38
N ARG A 309 3.46 0.52 8.83
CA ARG A 309 4.94 0.26 8.66
C ARG A 309 5.76 1.57 8.60
N SER A 310 7.08 1.44 8.75
CA SER A 310 8.11 2.50 8.50
C SER A 310 9.55 1.95 8.58
N THR A 311 10.47 2.71 8.00
CA THR A 311 11.90 2.38 8.07
C THR A 311 12.54 3.26 9.14
N TYR A 312 13.30 2.68 10.04
CA TYR A 312 14.07 3.45 11.07
C TYR A 312 15.00 4.49 10.42
N LEU A 313 14.65 5.79 10.53
CA LEU A 313 15.49 6.94 10.06
C LEU A 313 16.44 7.44 11.17
N ALA A 314 16.74 6.61 12.18
CA ALA A 314 17.54 7.02 13.35
C ALA A 314 18.34 5.84 13.87
N ARG A 315 19.61 6.07 14.23
CA ARG A 315 20.39 5.13 15.05
C ARG A 315 19.68 5.06 16.39
N PRO A 316 19.70 3.89 17.07
CA PRO A 316 19.12 3.79 18.40
C PRO A 316 20.02 4.51 19.42
N THR A 317 19.52 5.58 20.05
CA THR A 317 20.19 6.20 21.23
C THR A 317 19.59 5.53 22.47
N MET A 318 20.46 5.16 23.41
CA MET A 318 20.10 4.50 24.69
C MET A 318 20.92 5.15 25.79
N ARG A 319 20.52 4.91 27.05
CA ARG A 319 21.16 5.47 28.27
C ARG A 319 21.40 4.37 29.31
N SER A 320 22.36 4.60 30.22
CA SER A 320 22.91 3.57 31.16
C SER A 320 21.87 3.15 32.24
N MET A 321 21.03 4.08 32.72
CA MET A 321 20.09 3.85 33.86
C MET A 321 18.64 3.69 33.39
N ASP A 322 18.39 3.77 32.07
CA ASP A 322 17.07 3.65 31.40
C ASP A 322 16.26 2.47 31.98
N GLY A 323 16.88 1.32 32.25
CA GLY A 323 16.13 0.05 32.45
C GLY A 323 16.04 -0.41 33.90
N THR A 324 16.62 0.30 34.87
CA THR A 324 16.65 -0.19 36.28
C THR A 324 15.20 -0.43 36.76
N GLY A 325 14.99 -1.51 37.53
CA GLY A 325 13.67 -1.96 38.02
C GLY A 325 12.87 -2.75 36.98
N LEU A 326 13.26 -2.70 35.70
CA LEU A 326 12.61 -3.43 34.57
C LEU A 326 13.31 -4.79 34.39
N ALA A 327 12.58 -5.75 33.83
CA ALA A 327 13.05 -7.12 33.51
C ALA A 327 12.49 -7.50 32.15
N VAL A 328 13.39 -8.06 31.31
CA VAL A 328 13.10 -8.45 29.90
C VAL A 328 13.36 -9.95 29.75
N LEU A 329 12.38 -10.65 29.19
CA LEU A 329 12.48 -12.04 28.68
C LEU A 329 12.91 -11.98 27.23
N ILE A 330 13.97 -12.71 26.92
CA ILE A 330 14.34 -13.04 25.51
C ILE A 330 14.06 -14.53 25.33
N ALA A 331 13.05 -14.87 24.54
CA ALA A 331 12.77 -16.24 24.07
C ALA A 331 13.63 -16.50 22.85
N ALA A 332 14.81 -17.08 23.04
CA ALA A 332 15.75 -17.46 21.95
C ALA A 332 15.18 -18.61 21.13
N GLY A 333 15.64 -18.74 19.89
CA GLY A 333 15.50 -19.95 19.05
C GLY A 333 16.72 -20.85 19.16
N ASP A 334 17.04 -21.53 18.06
CA ASP A 334 18.19 -22.47 17.98
C ASP A 334 19.50 -21.72 18.20
N ASP A 335 19.68 -20.57 17.55
CA ASP A 335 20.96 -19.84 17.72
C ASP A 335 20.88 -18.98 18.96
N TRP A 336 21.35 -19.50 20.09
CA TRP A 336 21.34 -18.75 21.35
C TRP A 336 22.42 -17.67 21.33
N GLU A 337 23.43 -17.81 20.48
CA GLU A 337 24.52 -16.79 20.42
C GLU A 337 23.96 -15.45 19.93
N GLU A 338 23.16 -15.45 18.87
CA GLU A 338 22.46 -14.24 18.40
C GLU A 338 21.71 -13.60 19.58
N ALA A 339 20.95 -14.43 20.31
CA ALA A 339 20.05 -13.99 21.38
C ALA A 339 20.85 -13.27 22.47
N LEU A 340 22.01 -13.83 22.86
CA LEU A 340 22.84 -13.30 23.97
C LEU A 340 23.45 -11.96 23.56
N GLU A 341 23.80 -11.77 22.30
CA GLU A 341 24.32 -10.45 21.84
C GLU A 341 23.24 -9.40 22.09
N ILE A 342 21.98 -9.72 21.76
CA ILE A 342 20.80 -8.83 21.99
C ILE A 342 20.58 -8.65 23.49
N ALA A 343 20.75 -9.69 24.30
CA ALA A 343 20.65 -9.62 25.77
C ALA A 343 21.67 -8.61 26.31
N GLN A 344 22.90 -8.60 25.78
CA GLN A 344 24.00 -7.72 26.26
C GLN A 344 23.55 -6.26 26.21
N VAL A 345 22.96 -5.85 25.08
CA VAL A 345 22.44 -4.46 24.86
C VAL A 345 21.41 -4.11 25.97
N GLN A 346 20.51 -5.05 26.31
CA GLN A 346 19.51 -4.82 27.39
C GLN A 346 20.25 -4.64 28.74
N LEU A 347 21.14 -5.57 29.09
CA LEU A 347 21.93 -5.52 30.36
C LEU A 347 22.70 -4.20 30.45
N ALA A 348 23.33 -3.77 29.36
CA ALA A 348 24.06 -2.49 29.23
C ALA A 348 23.11 -1.29 29.42
N CYS A 349 21.80 -1.47 29.37
CA CYS A 349 20.82 -0.39 29.67
C CYS A 349 20.22 -0.57 31.09
N GLY A 350 20.79 -1.43 31.94
CA GLY A 350 20.48 -1.49 33.39
C GLY A 350 19.21 -2.32 33.68
N ALA A 351 18.65 -2.98 32.65
CA ALA A 351 17.50 -3.92 32.75
C ALA A 351 18.03 -5.29 33.20
N GLN A 352 17.28 -5.99 34.04
CA GLN A 352 17.51 -7.45 34.25
C GLN A 352 17.03 -8.23 33.02
N VAL A 353 17.68 -9.35 32.72
CA VAL A 353 17.34 -10.23 31.56
C VAL A 353 17.15 -11.67 32.04
N VAL A 354 16.03 -12.26 31.63
CA VAL A 354 15.81 -13.73 31.57
C VAL A 354 16.04 -14.16 30.12
N LEU A 355 17.12 -14.90 29.91
CA LEU A 355 17.43 -15.49 28.59
C LEU A 355 16.89 -16.92 28.65
N GLY A 356 15.88 -17.17 27.83
CA GLY A 356 15.14 -18.44 27.75
C GLY A 356 15.57 -19.24 26.52
N LEU A 357 16.14 -20.42 26.78
CA LEU A 357 16.73 -21.31 25.75
C LEU A 357 15.89 -22.55 25.63
N PRO A 358 15.55 -23.01 24.40
CA PRO A 358 14.71 -24.19 24.21
C PRO A 358 15.41 -25.45 24.75
N ARG A 359 16.63 -25.73 24.32
CA ARG A 359 17.34 -26.98 24.74
C ARG A 359 18.07 -26.69 26.05
N ALA A 360 17.83 -27.51 27.07
CA ALA A 360 18.38 -27.42 28.46
C ALA A 360 19.89 -27.75 28.51
N ALA A 361 20.44 -28.41 27.47
CA ALA A 361 21.89 -28.54 27.21
C ALA A 361 22.47 -27.13 27.03
N ASP A 362 21.84 -26.33 26.17
CA ASP A 362 22.23 -24.94 25.80
C ASP A 362 22.37 -24.06 27.05
N VAL A 363 21.65 -24.32 28.15
CA VAL A 363 21.67 -23.50 29.41
C VAL A 363 23.08 -23.44 30.00
N ALA A 364 23.66 -24.56 30.44
CA ALA A 364 25.02 -24.62 31.04
C ALA A 364 26.06 -24.11 30.02
N ILE A 365 25.97 -24.55 28.75
CA ILE A 365 26.89 -24.12 27.64
C ILE A 365 26.98 -22.59 27.63
N ALA A 366 25.82 -21.92 27.63
CA ALA A 366 25.68 -20.44 27.57
C ALA A 366 26.14 -19.81 28.89
N GLU A 367 25.91 -20.46 30.03
CA GLU A 367 26.33 -19.99 31.37
C GLU A 367 27.86 -19.76 31.41
N LYS A 368 28.62 -20.69 30.80
CA LYS A 368 30.10 -20.60 30.64
C LYS A 368 30.42 -19.30 29.89
N ARG A 369 29.89 -19.13 28.68
CA ARG A 369 30.29 -17.97 27.87
C ARG A 369 30.02 -16.71 28.66
N CYS A 370 28.92 -16.68 29.42
CA CYS A 370 28.56 -15.43 30.13
C CYS A 370 29.67 -15.04 31.11
N LYS A 371 30.22 -16.00 31.86
CA LYS A 371 31.36 -15.57 32.72
C LYS A 371 32.54 -15.17 31.83
N ALA A 372 32.82 -15.96 30.78
CA ALA A 372 33.95 -15.61 29.89
C ALA A 372 33.66 -14.24 29.28
N LEU A 373 32.43 -14.04 28.80
CA LEU A 373 31.96 -12.75 28.26
C LEU A 373 31.75 -11.76 29.40
N GLY A 374 31.73 -12.24 30.65
CA GLY A 374 31.59 -11.43 31.87
C GLY A 374 30.18 -10.93 32.19
N LEU A 375 29.16 -11.42 31.49
CA LEU A 375 27.77 -10.92 31.76
C LEU A 375 27.18 -11.70 32.95
N THR A 376 27.55 -11.33 34.18
CA THR A 376 27.09 -12.06 35.40
C THR A 376 25.91 -11.39 36.14
N GLU A 377 25.96 -10.08 36.37
CA GLU A 377 24.93 -9.40 37.21
C GLU A 377 23.67 -9.03 36.42
N GLY A 378 22.49 -9.36 36.94
CA GLY A 378 21.25 -8.93 36.26
C GLY A 378 20.72 -9.96 35.28
N LEU A 379 21.58 -10.89 34.82
CA LEU A 379 21.22 -11.96 33.85
C LEU A 379 20.87 -13.25 34.60
N SER A 380 19.69 -13.79 34.34
CA SER A 380 19.34 -15.21 34.59
C SER A 380 19.14 -15.89 33.23
N ILE A 381 19.43 -17.20 33.19
CA ILE A 381 19.28 -18.03 31.97
C ILE A 381 18.48 -19.27 32.38
N ILE A 382 17.49 -19.67 31.59
CA ILE A 382 16.63 -20.83 31.94
C ILE A 382 16.23 -21.60 30.68
N ARG A 383 15.68 -22.79 30.89
CA ARG A 383 15.10 -23.56 29.80
C ARG A 383 13.71 -22.97 29.62
N PHE A 384 13.46 -22.45 28.43
CA PHE A 384 12.19 -21.83 27.97
C PHE A 384 11.93 -22.35 26.57
N SER A 385 10.97 -23.28 26.43
CA SER A 385 10.56 -23.82 25.11
C SER A 385 9.12 -23.39 24.78
N ARG A 386 8.94 -22.78 23.62
CA ARG A 386 7.60 -22.38 23.13
C ARG A 386 6.77 -23.62 22.78
N LYS A 387 7.40 -24.80 22.72
CA LYS A 387 6.70 -26.09 22.43
C LYS A 387 6.05 -26.58 23.72
N ASP A 388 6.48 -26.03 24.87
CA ASP A 388 6.04 -26.46 26.23
C ASP A 388 5.46 -25.25 26.98
N PRO A 389 4.21 -24.85 26.67
CA PRO A 389 3.58 -23.69 27.32
C PRO A 389 3.49 -23.75 28.86
N ALA A 390 3.06 -24.85 29.46
CA ALA A 390 2.93 -25.00 30.94
C ALA A 390 4.27 -24.69 31.59
N ALA A 391 5.37 -25.17 31.03
CA ALA A 391 6.73 -25.03 31.60
C ALA A 391 7.14 -23.57 31.46
N MET A 392 6.84 -22.97 30.30
CA MET A 392 7.02 -21.51 30.05
C MET A 392 6.34 -20.74 31.19
N GLU A 393 5.05 -20.99 31.46
CA GLU A 393 4.22 -20.23 32.43
C GLU A 393 4.76 -20.43 33.85
N ALA A 394 5.23 -21.64 34.16
CA ALA A 394 5.78 -21.99 35.49
C ALA A 394 7.12 -21.27 35.69
N ALA A 395 7.98 -21.26 34.68
CA ALA A 395 9.32 -20.69 34.77
C ALA A 395 9.20 -19.18 34.96
N LEU A 396 8.23 -18.56 34.26
CA LEU A 396 8.03 -17.10 34.35
C LEU A 396 7.61 -16.78 35.78
N GLU A 397 6.71 -17.58 36.37
CA GLU A 397 6.25 -17.46 37.79
C GLU A 397 7.43 -17.70 38.75
N GLU A 398 8.24 -18.73 38.49
CA GLU A 398 9.44 -19.06 39.29
C GLU A 398 10.37 -17.85 39.33
N TYR A 399 10.76 -17.31 38.17
CA TYR A 399 11.65 -16.13 38.03
C TYR A 399 11.11 -14.94 38.81
N THR A 400 9.79 -14.77 38.82
CA THR A 400 9.07 -13.55 39.29
C THR A 400 9.02 -13.56 40.83
N ARG A 401 9.26 -14.74 41.39
CA ARG A 401 9.37 -14.95 42.85
C ARG A 401 10.54 -14.06 43.30
N GLY A 402 11.60 -14.01 42.49
CA GLY A 402 12.84 -13.24 42.70
C GLY A 402 12.60 -11.75 42.90
N GLY A 403 11.42 -11.22 42.55
CA GLY A 403 10.96 -9.91 43.04
C GLY A 403 10.80 -8.84 41.96
N THR A 404 11.38 -9.03 40.77
CA THR A 404 11.15 -8.12 39.60
C THR A 404 10.23 -8.84 38.62
N PRO A 405 9.06 -8.26 38.30
CA PRO A 405 8.19 -8.84 37.29
C PRO A 405 8.75 -8.52 35.90
N ILE A 406 8.33 -9.29 34.90
CA ILE A 406 8.79 -9.15 33.48
C ILE A 406 7.97 -8.05 32.79
N SER A 407 8.63 -6.95 32.42
CA SER A 407 8.00 -5.73 31.89
C SER A 407 7.97 -5.77 30.36
N GLY A 408 8.81 -6.62 29.78
CA GLY A 408 9.11 -6.60 28.34
C GLY A 408 9.55 -7.95 27.86
N ALA A 409 9.17 -8.30 26.64
CA ALA A 409 9.41 -9.63 26.06
C ALA A 409 9.85 -9.48 24.60
N LEU A 410 10.99 -10.07 24.28
CA LEU A 410 11.55 -10.10 22.91
C LEU A 410 11.55 -11.55 22.41
N PHE A 411 10.83 -11.80 21.31
CA PHE A 411 10.68 -13.13 20.68
C PHE A 411 11.62 -13.29 19.47
N MET A 412 12.63 -14.18 19.61
CA MET A 412 13.52 -14.60 18.50
C MET A 412 12.82 -15.67 17.65
N PRO A 413 13.11 -15.78 16.33
CA PRO A 413 12.62 -16.90 15.52
C PRO A 413 13.09 -18.25 16.08
N ALA A 414 12.29 -19.30 15.84
CA ALA A 414 12.44 -20.64 16.46
C ALA A 414 13.61 -21.39 15.82
N LEU A 415 13.59 -21.49 14.49
CA LEU A 415 14.53 -22.30 13.65
C LEU A 415 15.84 -21.57 13.37
N GLY A 416 16.93 -22.32 13.09
CA GLY A 416 18.22 -21.75 12.67
C GLY A 416 18.02 -20.91 11.42
N ALA A 417 18.82 -19.86 11.23
CA ALA A 417 18.85 -19.09 9.97
C ALA A 417 18.95 -20.05 8.76
N GLY A 418 18.13 -19.81 7.73
CA GLY A 418 18.18 -20.54 6.45
C GLY A 418 17.53 -21.93 6.52
N GLU A 419 17.21 -22.44 7.72
CA GLU A 419 16.66 -23.82 7.86
C GLU A 419 15.40 -23.94 7.01
N LEU A 420 14.68 -22.83 6.84
CA LEU A 420 13.47 -22.82 5.98
C LEU A 420 13.89 -22.27 4.62
N SER A 421 13.86 -23.10 3.57
CA SER A 421 14.18 -22.66 2.19
C SER A 421 13.45 -23.48 1.11
N GLY A 422 13.65 -23.09 -0.14
CA GLY A 422 12.91 -23.63 -1.27
C GLY A 422 11.88 -22.62 -1.74
N ALA A 423 11.74 -22.47 -3.05
CA ALA A 423 10.58 -21.84 -3.69
C ALA A 423 9.35 -22.51 -3.08
N VAL A 424 8.28 -21.77 -2.83
CA VAL A 424 7.13 -22.32 -2.06
C VAL A 424 6.57 -23.56 -2.75
N THR A 425 6.76 -23.64 -4.07
CA THR A 425 6.24 -24.78 -4.88
C THR A 425 7.26 -25.91 -4.99
N GLU A 426 8.49 -25.71 -4.49
CA GLU A 426 9.52 -26.77 -4.57
C GLU A 426 10.00 -27.16 -3.18
N ALA A 427 9.66 -26.37 -2.17
CA ALA A 427 10.17 -26.66 -0.81
C ALA A 427 9.67 -28.03 -0.34
N GLU A 428 10.59 -28.77 0.28
CA GLU A 428 10.34 -30.10 0.86
C GLU A 428 8.99 -30.07 1.58
N ASP A 429 8.36 -31.27 1.69
CA ASP A 429 7.11 -31.59 2.45
C ASP A 429 7.17 -30.98 3.86
N ASN A 430 8.37 -31.04 4.47
CA ASN A 430 8.69 -30.54 5.85
C ASN A 430 8.86 -28.99 5.90
N ALA A 431 8.84 -28.28 4.76
CA ALA A 431 8.95 -26.80 4.69
C ALA A 431 7.69 -26.15 5.30
N VAL A 432 6.52 -26.42 4.73
CA VAL A 432 5.26 -25.84 5.25
C VAL A 432 5.02 -26.34 6.69
N GLU A 433 5.42 -27.56 7.01
CA GLU A 433 5.13 -28.24 8.28
C GLU A 433 5.93 -27.49 9.39
N ALA A 434 7.24 -27.25 9.20
CA ALA A 434 8.10 -26.52 10.17
C ALA A 434 7.66 -25.05 10.26
N LEU A 435 7.34 -24.41 9.12
CA LEU A 435 6.86 -23.01 9.04
C LEU A 435 5.63 -22.89 9.95
N MET A 436 4.69 -23.83 9.84
CA MET A 436 3.40 -23.83 10.58
C MET A 436 3.65 -24.17 12.06
N ASP A 437 4.39 -25.24 12.35
CA ASP A 437 4.51 -25.74 13.74
C ASP A 437 5.54 -24.94 14.53
N ALA A 438 6.76 -24.82 14.02
CA ALA A 438 7.87 -24.13 14.72
C ALA A 438 7.58 -22.62 14.80
N GLU A 439 7.28 -21.97 13.68
CA GLU A 439 7.33 -20.48 13.59
C GLU A 439 5.93 -19.90 13.88
N LEU A 440 4.92 -20.24 13.09
CA LEU A 440 3.56 -19.64 13.21
C LEU A 440 2.88 -20.06 14.52
N ALA A 441 2.65 -21.35 14.75
CA ALA A 441 2.10 -21.87 16.03
C ALA A 441 2.98 -21.45 17.23
N GLY A 442 4.31 -21.51 17.12
CA GLY A 442 5.20 -21.07 18.22
C GLY A 442 4.92 -19.63 18.66
N ASN A 443 4.65 -18.73 17.70
CA ASN A 443 4.46 -17.28 17.95
C ASN A 443 3.13 -17.07 18.67
N MET A 444 2.10 -17.83 18.32
CA MET A 444 0.79 -17.81 19.02
C MET A 444 1.02 -18.26 20.47
N ALA A 445 1.82 -19.28 20.68
CA ALA A 445 2.07 -19.80 22.03
C ALA A 445 2.77 -18.72 22.85
N LEU A 446 3.81 -18.11 22.29
CA LEU A 446 4.53 -17.02 23.03
C LEU A 446 3.53 -15.88 23.37
N ALA A 447 2.64 -15.55 22.44
CA ALA A 447 1.65 -14.45 22.59
C ALA A 447 0.68 -14.81 23.71
N ARG A 448 0.09 -15.99 23.66
CA ARG A 448 -0.82 -16.46 24.74
C ARG A 448 -0.05 -16.44 26.07
N THR A 449 1.19 -16.90 26.09
CA THR A 449 1.96 -17.09 27.35
C THR A 449 2.10 -15.71 28.02
N MET A 450 2.46 -14.69 27.25
CA MET A 450 2.71 -13.36 27.84
C MET A 450 1.38 -12.65 28.17
N SER A 451 0.29 -12.84 27.40
CA SER A 451 -1.07 -12.36 27.79
C SER A 451 -1.43 -12.88 29.19
N ARG A 452 -1.19 -14.16 29.45
CA ARG A 452 -1.57 -14.76 30.74
C ARG A 452 -0.72 -14.13 31.83
N TYR A 453 0.58 -13.97 31.57
CA TYR A 453 1.52 -13.37 32.54
C TYR A 453 1.07 -11.94 32.87
N TRP A 454 0.62 -11.16 31.88
CA TRP A 454 0.33 -9.72 32.07
C TRP A 454 -1.11 -9.49 32.51
N LYS A 455 -1.93 -10.54 32.47
CA LYS A 455 -3.21 -10.66 33.23
C LYS A 455 -2.89 -10.78 34.72
N ARG A 456 -1.93 -11.63 35.11
CA ARG A 456 -1.60 -11.87 36.53
C ARG A 456 -0.75 -10.71 37.07
N HIS A 457 0.35 -10.39 36.38
CA HIS A 457 1.21 -9.24 36.75
C HIS A 457 0.74 -8.02 35.97
N ASP A 458 -0.30 -7.37 36.48
CA ASP A 458 -0.99 -6.21 35.84
C ASP A 458 -0.65 -4.89 36.53
N ASN A 459 0.42 -4.83 37.32
CA ASN A 459 0.75 -3.53 37.95
C ASN A 459 2.25 -3.24 37.81
N LEU A 460 2.73 -3.20 36.57
CA LEU A 460 4.16 -2.99 36.27
C LEU A 460 4.52 -1.49 36.35
N LEU A 461 5.80 -1.20 36.57
CA LEU A 461 6.31 0.19 36.67
C LEU A 461 6.09 0.90 35.34
N GLN A 462 6.08 0.11 34.28
CA GLN A 462 5.92 0.54 32.87
C GLN A 462 4.88 -0.38 32.24
N PRO A 463 4.06 0.13 31.28
CA PRO A 463 3.18 -0.73 30.51
C PRO A 463 3.99 -1.82 29.80
N PRO A 464 3.47 -3.07 29.72
CA PRO A 464 4.17 -4.17 29.05
C PRO A 464 4.36 -3.98 27.54
N ARG A 465 5.52 -4.44 27.07
CA ARG A 465 6.00 -4.25 25.69
C ARG A 465 6.55 -5.57 25.15
N PHE A 466 6.23 -5.88 23.91
CA PHE A 466 6.73 -7.09 23.22
C PHE A 466 7.35 -6.66 21.89
N VAL A 467 8.47 -7.30 21.55
CA VAL A 467 9.14 -7.17 20.23
C VAL A 467 9.25 -8.56 19.59
N PHE A 468 8.73 -8.67 18.35
CA PHE A 468 9.02 -9.79 17.41
C PHE A 468 10.18 -9.37 16.51
N VAL A 469 11.27 -10.14 16.51
CA VAL A 469 12.46 -10.00 15.60
C VAL A 469 12.40 -11.07 14.51
N SER A 470 12.53 -10.64 13.26
CA SER A 470 12.75 -11.51 12.08
C SER A 470 14.17 -12.07 12.15
N HIS A 471 14.40 -13.17 11.42
CA HIS A 471 15.75 -13.61 10.98
C HIS A 471 16.46 -12.48 10.19
N ALA A 472 17.79 -12.55 10.18
CA ALA A 472 18.68 -11.89 9.20
C ALA A 472 18.31 -12.34 7.78
N SER A 473 18.74 -11.63 6.75
CA SER A 473 18.57 -12.11 5.36
C SER A 473 19.03 -13.57 5.23
N ASP A 474 18.37 -14.30 4.33
CA ASP A 474 18.74 -15.67 3.95
C ASP A 474 19.55 -15.56 2.66
N GLY A 475 19.62 -14.36 2.11
CA GLY A 475 20.28 -14.05 0.82
C GLY A 475 19.66 -14.81 -0.32
N LYS A 476 18.39 -15.24 -0.22
CA LYS A 476 17.66 -15.96 -1.31
C LYS A 476 16.27 -15.35 -1.55
N GLY A 477 16.06 -14.08 -1.18
CA GLY A 477 14.77 -13.38 -1.39
C GLY A 477 13.91 -13.35 -0.13
N ASP A 478 14.32 -14.07 0.92
CA ASP A 478 13.65 -14.05 2.26
C ASP A 478 12.18 -14.50 2.09
N ILE A 479 11.96 -15.64 1.43
CA ILE A 479 10.59 -16.16 1.10
C ILE A 479 9.81 -16.28 2.42
N TYR A 480 10.41 -16.96 3.38
CA TYR A 480 9.85 -17.34 4.70
C TYR A 480 9.92 -16.12 5.63
N GLY A 481 10.96 -15.31 5.49
CA GLY A 481 11.04 -13.99 6.14
C GLY A 481 9.78 -13.18 5.88
N HIS A 482 9.34 -13.12 4.62
CA HIS A 482 8.19 -12.27 4.22
C HIS A 482 6.89 -12.82 4.80
N ILE A 483 6.69 -14.15 4.70
CA ILE A 483 5.45 -14.85 5.15
C ILE A 483 5.35 -14.68 6.67
N LEU A 484 6.43 -14.95 7.36
CA LEU A 484 6.43 -14.94 8.83
C LEU A 484 6.26 -13.49 9.33
N ARG A 485 6.66 -12.53 8.51
CA ARG A 485 6.57 -11.08 8.80
C ARG A 485 5.11 -10.65 8.69
N ALA A 486 4.45 -10.97 7.58
CA ALA A 486 3.04 -10.58 7.33
C ALA A 486 2.11 -11.22 8.38
N ALA A 487 2.35 -12.48 8.77
CA ALA A 487 1.56 -13.17 9.81
C ALA A 487 1.78 -12.49 11.17
N THR A 488 3.04 -12.21 11.49
CA THR A 488 3.44 -11.59 12.77
C THR A 488 2.82 -10.19 12.83
N GLU A 489 2.65 -9.53 11.68
CA GLU A 489 2.09 -8.15 11.65
C GLU A 489 0.64 -8.26 12.18
N GLN A 490 -0.14 -9.21 11.63
CA GLN A 490 -1.57 -9.41 11.98
C GLN A 490 -1.72 -9.95 13.41
N LEU A 491 -0.82 -10.81 13.89
CA LEU A 491 -0.85 -11.27 15.29
C LEU A 491 -0.78 -10.04 16.20
N ILE A 492 0.20 -9.18 15.98
CA ILE A 492 0.43 -7.95 16.79
C ILE A 492 -0.83 -7.05 16.73
N ARG A 493 -1.44 -6.87 15.55
CA ARG A 493 -2.66 -6.04 15.41
C ARG A 493 -3.75 -6.57 16.35
N ILE A 494 -3.94 -7.91 16.34
CA ILE A 494 -4.98 -8.60 17.16
C ILE A 494 -4.64 -8.44 18.65
N TRP A 495 -3.40 -8.70 19.03
CA TRP A 495 -2.92 -8.62 20.43
C TRP A 495 -3.14 -7.22 20.97
N ARG A 496 -2.58 -6.23 20.29
CA ARG A 496 -2.73 -4.79 20.65
C ARG A 496 -4.20 -4.50 20.90
N ASP A 497 -5.04 -4.81 19.90
CA ASP A 497 -6.47 -4.43 19.88
C ASP A 497 -7.23 -5.16 20.99
N GLU A 498 -6.90 -6.40 21.26
CA GLU A 498 -7.66 -7.17 22.27
C GLU A 498 -7.35 -6.52 23.63
N SER A 499 -6.07 -6.24 23.88
CA SER A 499 -5.58 -5.60 25.11
C SER A 499 -6.15 -4.17 25.23
N GLU A 500 -6.24 -3.45 24.13
CA GLU A 500 -6.84 -2.09 24.19
C GLU A 500 -8.31 -2.21 24.64
N ILE A 501 -9.06 -3.17 24.10
CA ILE A 501 -10.50 -3.35 24.41
C ILE A 501 -10.63 -3.90 25.83
N ASP A 502 -9.80 -4.84 26.24
CA ASP A 502 -9.84 -5.40 27.62
C ASP A 502 -9.63 -4.28 28.64
N THR A 503 -8.75 -3.33 28.32
CA THR A 503 -8.26 -2.30 29.27
C THR A 503 -9.34 -1.21 29.37
N ALA A 504 -9.95 -0.90 28.23
CA ALA A 504 -11.02 0.10 28.12
C ALA A 504 -12.24 -0.38 28.92
N HIS A 505 -12.45 -1.68 28.98
CA HIS A 505 -13.66 -2.29 29.58
C HIS A 505 -13.35 -2.70 31.02
N GLY A 506 -12.15 -2.40 31.53
CA GLY A 506 -11.75 -2.63 32.93
C GLY A 506 -11.49 -4.07 33.28
N ARG A 507 -11.14 -4.88 32.29
CA ARG A 507 -10.75 -6.29 32.52
C ARG A 507 -9.27 -6.37 32.89
N ARG A 508 -8.46 -5.42 32.40
CA ARG A 508 -7.01 -5.33 32.70
C ARG A 508 -6.64 -3.87 32.92
N ARG A 509 -5.81 -3.58 33.90
CA ARG A 509 -5.32 -2.20 34.10
C ARG A 509 -4.34 -1.78 32.99
N GLN A 510 -3.45 -2.68 32.57
CA GLN A 510 -2.37 -2.30 31.64
C GLN A 510 -2.62 -2.76 30.21
N ALA A 511 -2.53 -1.82 29.27
CA ALA A 511 -2.61 -2.10 27.82
C ALA A 511 -1.25 -2.64 27.38
N GLU A 512 -1.26 -3.80 26.73
CA GLU A 512 -0.10 -4.47 26.10
C GLU A 512 0.11 -3.86 24.71
N TRP A 513 1.35 -3.46 24.40
CA TRP A 513 1.74 -2.95 23.05
C TRP A 513 3.07 -3.59 22.64
N GLY A 514 3.35 -3.47 21.36
CA GLY A 514 4.60 -3.99 20.82
C GLY A 514 4.65 -3.83 19.31
N ASN A 515 5.72 -4.40 18.77
CA ASN A 515 6.14 -4.14 17.38
C ASN A 515 6.94 -5.34 16.92
N GLN A 516 7.11 -5.37 15.60
CA GLN A 516 7.98 -6.29 14.83
C GLN A 516 9.13 -5.47 14.22
N ILE A 517 10.38 -5.95 14.40
CA ILE A 517 11.60 -5.43 13.72
C ILE A 517 12.05 -6.39 12.63
N VAL A 518 11.99 -5.95 11.38
CA VAL A 518 12.41 -6.69 10.16
C VAL A 518 13.88 -6.37 9.88
N ARG A 519 14.77 -7.37 10.06
CA ARG A 519 16.26 -7.26 9.92
C ARG A 519 16.68 -7.50 8.46
N PHE A 520 16.02 -8.46 7.81
CA PHE A 520 16.43 -9.07 6.50
C PHE A 520 16.48 -8.02 5.39
N THR A 521 16.06 -6.79 5.71
CA THR A 521 16.13 -5.67 4.74
C THR A 521 17.54 -5.04 4.75
N ASN A 522 18.38 -5.44 5.70
CA ASN A 522 19.77 -4.91 5.79
C ASN A 522 20.78 -6.06 5.96
N THR A 523 21.93 -5.99 5.28
CA THR A 523 23.02 -7.01 5.31
C THR A 523 24.35 -6.40 5.82
N GLU A 524 24.33 -5.13 6.26
CA GLU A 524 25.46 -4.39 6.92
C GLU A 524 25.80 -5.14 8.21
N ALA A 525 27.00 -4.92 8.77
CA ALA A 525 27.63 -5.74 9.84
C ALA A 525 27.09 -5.32 11.21
N GLU A 526 26.72 -4.05 11.30
CA GLU A 526 26.11 -3.34 12.45
C GLU A 526 24.65 -3.81 12.66
N ASN A 527 24.03 -4.45 11.64
CA ASN A 527 22.63 -4.95 11.63
C ASN A 527 22.21 -5.46 13.01
N ILE A 528 22.93 -6.42 13.61
CA ILE A 528 22.47 -6.98 14.91
C ILE A 528 22.54 -5.92 16.03
N ARG A 529 23.58 -5.08 16.08
CA ARG A 529 23.73 -4.02 17.12
C ARG A 529 22.56 -3.02 17.02
N PHE A 530 22.27 -2.56 15.81
CA PHE A 530 21.15 -1.66 15.44
C PHE A 530 19.81 -2.22 15.95
N THR A 531 19.53 -3.49 15.67
CA THR A 531 18.22 -4.10 16.01
C THR A 531 18.15 -4.24 17.53
N ALA A 532 19.20 -4.77 18.15
CA ALA A 532 19.27 -4.95 19.63
C ALA A 532 18.94 -3.63 20.35
N GLY A 533 19.37 -2.49 19.81
CA GLY A 533 19.23 -1.18 20.46
C GLY A 533 17.83 -0.61 20.31
N HIS A 534 17.26 -0.75 19.11
CA HIS A 534 15.86 -0.38 18.80
C HIS A 534 14.88 -1.29 19.56
N ALA A 535 15.28 -2.54 19.87
CA ALA A 535 14.58 -3.49 20.77
C ALA A 535 14.55 -2.94 22.20
N ALA A 536 15.71 -2.61 22.74
CA ALA A 536 15.87 -1.84 24.00
C ALA A 536 15.01 -0.56 24.04
N ARG A 537 14.94 0.27 22.99
CA ARG A 537 14.09 1.49 23.03
C ARG A 537 12.63 1.09 23.22
N ILE A 538 12.17 0.05 22.53
CA ILE A 538 10.75 -0.39 22.59
C ILE A 538 10.49 -0.98 23.98
N LEU A 539 11.44 -1.70 24.54
CA LEU A 539 11.24 -2.45 25.80
C LEU A 539 11.52 -1.58 27.03
N LEU A 540 12.45 -0.63 26.95
CA LEU A 540 12.84 0.09 28.18
C LEU A 540 12.46 1.58 28.20
N LYS A 541 12.25 2.21 27.05
CA LYS A 541 11.87 3.64 27.15
C LYS A 541 10.36 3.74 27.35
N GLU A 542 9.88 4.86 27.86
CA GLU A 542 8.42 5.05 27.93
C GLU A 542 8.05 5.49 26.52
N SER A 543 7.48 4.60 25.73
CA SER A 543 7.14 4.95 24.34
C SER A 543 6.02 4.06 23.83
N LYS A 544 5.45 4.42 22.69
CA LYS A 544 4.38 3.67 22.03
C LYS A 544 4.47 3.98 20.52
N LEU A 545 5.20 3.15 19.76
CA LEU A 545 5.44 3.39 18.32
C LEU A 545 4.21 2.84 17.60
N GLY A 546 3.48 3.70 16.89
CA GLY A 546 2.20 3.34 16.28
C GLY A 546 2.41 2.24 15.26
N GLU A 547 3.33 2.41 14.34
CA GLU A 547 3.57 1.50 13.18
C GLU A 547 3.99 0.12 13.72
N ILE A 548 3.42 -0.97 13.20
CA ILE A 548 3.63 -2.33 13.75
C ILE A 548 5.03 -2.84 13.37
N THR A 549 5.37 -2.75 12.08
CA THR A 549 6.61 -3.30 11.51
C THR A 549 7.62 -2.19 11.19
N LEU A 550 8.81 -2.33 11.76
CA LEU A 550 9.92 -1.36 11.62
C LEU A 550 11.07 -2.09 10.92
N TYR A 551 11.39 -1.61 9.71
CA TYR A 551 12.52 -2.10 8.87
C TYR A 551 13.84 -1.37 9.23
N VAL A 552 14.89 -2.16 9.42
CA VAL A 552 16.30 -1.68 9.37
C VAL A 552 16.57 -1.20 7.95
N PRO A 553 17.07 0.05 7.75
CA PRO A 553 17.24 0.59 6.39
C PRO A 553 18.42 -0.10 5.67
N ALA A 554 18.37 -0.18 4.34
CA ALA A 554 19.41 -0.88 3.52
C ALA A 554 20.79 -0.29 3.88
N ASN A 555 20.85 1.03 3.87
CA ASN A 555 22.08 1.76 4.22
C ASN A 555 21.85 2.51 5.53
N ILE A 556 22.35 1.98 6.64
CA ILE A 556 22.26 2.67 7.98
C ILE A 556 22.90 4.06 7.92
N GLY A 557 24.12 4.15 7.35
CA GLY A 557 24.98 5.34 7.36
C GLY A 557 24.42 6.48 6.52
N GLU A 558 23.50 6.18 5.59
CA GLU A 558 22.88 7.17 4.67
C GLU A 558 21.54 7.63 5.24
N ALA A 559 20.69 6.69 5.68
CA ALA A 559 19.35 6.96 6.26
C ALA A 559 19.52 7.78 7.55
N THR A 560 20.67 7.65 8.23
CA THR A 560 21.08 8.46 9.41
C THR A 560 22.51 9.00 9.20
N GLY A 561 22.69 10.32 9.35
CA GLY A 561 23.94 11.08 9.08
C GLY A 561 25.22 10.37 9.50
N ALA A 562 25.20 9.60 10.61
CA ALA A 562 26.35 8.83 11.14
C ALA A 562 26.50 7.53 10.35
N PRO B 18 -27.50 -10.82 -23.68
CA PRO B 18 -28.28 -9.57 -23.62
C PRO B 18 -27.35 -8.35 -23.57
N GLY B 19 -26.10 -8.59 -23.21
CA GLY B 19 -25.09 -7.54 -23.05
C GLY B 19 -24.85 -7.29 -21.59
N ARG B 20 -23.58 -7.22 -21.20
CA ARG B 20 -23.15 -6.98 -19.79
C ARG B 20 -23.41 -5.53 -19.38
N LEU B 21 -23.51 -4.62 -20.35
CA LEU B 21 -23.79 -3.19 -20.15
C LEU B 21 -25.16 -2.85 -20.76
N ALA B 22 -25.99 -3.87 -20.98
CA ALA B 22 -27.32 -3.70 -21.59
C ALA B 22 -28.12 -2.57 -20.94
N GLY B 23 -28.55 -1.61 -21.75
CA GLY B 23 -29.45 -0.52 -21.30
C GLY B 23 -28.76 0.53 -20.44
N LYS B 24 -27.44 0.66 -20.56
CA LYS B 24 -26.66 1.65 -19.81
C LYS B 24 -26.20 2.74 -20.77
N ILE B 25 -26.23 3.98 -20.33
CA ILE B 25 -25.69 5.17 -21.05
C ILE B 25 -24.28 5.43 -20.49
N ALA B 26 -23.28 5.33 -21.37
CA ALA B 26 -21.83 5.47 -21.11
C ALA B 26 -21.31 6.73 -21.82
N VAL B 27 -20.49 7.50 -21.09
CA VAL B 27 -19.71 8.67 -21.61
C VAL B 27 -18.23 8.31 -21.53
N VAL B 28 -17.52 8.38 -22.66
CA VAL B 28 -16.06 8.05 -22.76
C VAL B 28 -15.36 9.31 -23.26
N THR B 29 -14.51 9.89 -22.43
CA THR B 29 -13.70 11.10 -22.72
C THR B 29 -12.44 10.60 -23.43
N GLY B 30 -11.92 11.40 -24.36
CA GLY B 30 -10.76 10.99 -25.19
C GLY B 30 -11.08 9.77 -26.01
N ALA B 31 -12.30 9.69 -26.51
CA ALA B 31 -12.82 8.46 -27.15
C ALA B 31 -12.14 8.23 -28.50
N ALA B 32 -11.51 9.26 -29.09
CA ALA B 32 -10.79 9.16 -30.39
C ALA B 32 -9.37 8.58 -30.22
N GLY B 33 -8.81 8.49 -29.01
CA GLY B 33 -7.48 7.93 -28.77
C GLY B 33 -7.43 6.43 -29.04
N ASN B 34 -6.28 5.77 -28.78
CA ASN B 34 -6.11 4.30 -28.96
C ASN B 34 -6.99 3.55 -27.94
N LEU B 35 -6.79 3.74 -26.62
CA LEU B 35 -7.67 3.15 -25.55
C LEU B 35 -9.14 3.56 -25.77
N GLY B 36 -9.43 4.83 -26.04
CA GLY B 36 -10.80 5.32 -26.24
C GLY B 36 -11.58 4.40 -27.16
N GLY B 37 -11.04 4.16 -28.37
CA GLY B 37 -11.64 3.36 -29.45
C GLY B 37 -11.97 1.95 -29.02
N HIS B 38 -11.04 1.32 -28.32
CA HIS B 38 -11.22 -0.06 -27.82
C HIS B 38 -12.30 -0.10 -26.75
N ILE B 39 -12.31 0.89 -25.84
CA ILE B 39 -13.36 1.04 -24.79
C ILE B 39 -14.73 1.19 -25.50
N VAL B 40 -14.88 2.15 -26.40
CA VAL B 40 -16.17 2.33 -27.14
C VAL B 40 -16.57 0.99 -27.82
N THR B 41 -15.62 0.30 -28.44
CA THR B 41 -15.86 -0.98 -29.16
C THR B 41 -16.45 -2.00 -28.17
N HIS B 42 -15.70 -2.36 -27.13
CA HIS B 42 -16.13 -3.32 -26.09
C HIS B 42 -17.49 -2.89 -25.54
N TYR B 43 -17.68 -1.60 -25.30
CA TYR B 43 -18.93 -1.02 -24.73
C TYR B 43 -20.09 -1.25 -25.72
N LEU B 44 -19.92 -0.97 -27.02
CA LEU B 44 -21.02 -1.20 -27.99
C LEU B 44 -21.31 -2.70 -28.11
N ALA B 45 -20.28 -3.54 -28.05
CA ALA B 45 -20.42 -5.00 -28.11
C ALA B 45 -21.31 -5.43 -26.93
N GLU B 46 -21.04 -4.98 -25.70
CA GLU B 46 -21.76 -5.40 -24.46
C GLU B 46 -23.09 -4.64 -24.30
N GLY B 47 -23.52 -3.88 -25.31
CA GLY B 47 -24.88 -3.32 -25.40
C GLY B 47 -25.06 -1.92 -24.84
N ALA B 48 -24.01 -1.16 -24.56
CA ALA B 48 -24.19 0.19 -23.96
C ALA B 48 -24.58 1.13 -25.07
N THR B 49 -25.25 2.24 -24.74
CA THR B 49 -25.26 3.45 -25.58
C THR B 49 -24.09 4.33 -25.11
N VAL B 50 -23.26 4.77 -26.04
CA VAL B 50 -21.97 5.42 -25.74
C VAL B 50 -21.98 6.83 -26.32
N VAL B 51 -21.62 7.82 -25.51
CA VAL B 51 -21.35 9.20 -25.98
C VAL B 51 -19.83 9.42 -25.90
N MET B 52 -19.23 9.73 -27.06
CA MET B 52 -17.79 9.99 -27.24
C MET B 52 -17.53 11.49 -27.09
N THR B 53 -16.44 11.81 -26.40
CA THR B 53 -15.98 13.17 -26.09
C THR B 53 -14.67 13.44 -26.83
N GLY B 54 -14.53 14.65 -27.39
CA GLY B 54 -13.27 15.20 -27.93
C GLY B 54 -13.25 16.72 -27.89
N ARG B 55 -12.06 17.32 -28.00
CA ARG B 55 -11.87 18.79 -28.11
C ARG B 55 -12.23 19.25 -29.53
N THR B 56 -12.12 18.36 -30.51
CA THR B 56 -12.04 18.71 -31.95
C THR B 56 -13.16 17.97 -32.66
N PRO B 57 -14.38 18.57 -32.83
CA PRO B 57 -15.56 17.86 -33.34
C PRO B 57 -15.46 17.04 -34.64
N ASP B 58 -14.50 17.35 -35.52
CA ASP B 58 -14.22 16.57 -36.76
C ASP B 58 -13.40 15.31 -36.44
N ARG B 59 -12.44 15.43 -35.51
CA ARG B 59 -11.56 14.31 -35.05
C ARG B 59 -12.48 13.25 -34.42
N THR B 60 -13.36 13.68 -33.50
CA THR B 60 -14.21 12.79 -32.68
C THR B 60 -15.35 12.25 -33.56
N LYS B 61 -15.80 13.05 -34.54
CA LYS B 61 -16.84 12.57 -35.50
C LYS B 61 -16.27 11.51 -36.47
N ALA B 62 -15.05 11.73 -36.94
CA ALA B 62 -14.38 10.76 -37.82
C ALA B 62 -14.19 9.45 -37.04
N ALA B 63 -13.81 9.56 -35.77
CA ALA B 63 -13.59 8.38 -34.91
C ALA B 63 -14.92 7.61 -34.75
N ALA B 64 -16.01 8.35 -34.51
CA ALA B 64 -17.34 7.72 -34.34
C ALA B 64 -17.76 7.04 -35.65
N ASP B 65 -17.53 7.68 -36.79
CA ASP B 65 -17.90 7.08 -38.11
C ASP B 65 -17.07 5.80 -38.34
N ALA B 66 -15.77 5.83 -38.02
CA ALA B 66 -14.95 4.62 -38.22
C ALA B 66 -15.44 3.52 -37.30
N LEU B 67 -15.78 3.89 -36.07
CA LEU B 67 -16.28 2.90 -35.09
C LEU B 67 -17.61 2.35 -35.61
N LEU B 68 -18.47 3.18 -36.17
CA LEU B 68 -19.78 2.69 -36.67
C LEU B 68 -19.50 1.64 -37.74
N LYS B 69 -18.59 1.91 -38.67
CA LYS B 69 -18.33 0.90 -39.72
C LYS B 69 -17.76 -0.38 -39.12
N SER B 70 -16.73 -0.24 -38.30
CA SER B 70 -16.07 -1.46 -37.76
C SER B 70 -17.01 -2.26 -36.87
N THR B 71 -17.89 -1.59 -36.13
CA THR B 71 -18.77 -2.24 -35.13
C THR B 71 -20.08 -2.79 -35.70
N GLY B 72 -20.69 -2.17 -36.71
CA GLY B 72 -22.02 -2.69 -37.10
C GLY B 72 -23.19 -2.17 -36.23
N ALA B 73 -22.90 -1.55 -35.08
CA ALA B 73 -23.82 -0.84 -34.16
C ALA B 73 -24.75 0.13 -34.87
N ASP B 74 -25.95 0.24 -34.32
CA ASP B 74 -26.99 1.19 -34.79
C ASP B 74 -26.48 2.59 -34.44
N PRO B 75 -26.59 3.58 -35.34
CA PRO B 75 -26.09 4.93 -35.07
C PRO B 75 -26.74 5.57 -33.83
N SER B 76 -27.95 5.12 -33.47
CA SER B 76 -28.72 5.63 -32.30
C SER B 76 -27.96 5.34 -31.00
N ARG B 77 -27.10 4.31 -31.02
CA ARG B 77 -26.36 3.82 -29.82
C ARG B 77 -25.02 4.52 -29.65
N LEU B 78 -24.66 5.39 -30.62
CA LEU B 78 -23.38 6.13 -30.55
C LEU B 78 -23.58 7.59 -30.96
N ALA B 79 -23.25 8.51 -30.05
CA ALA B 79 -23.24 9.97 -30.32
C ALA B 79 -21.89 10.57 -29.94
N THR B 80 -21.71 11.86 -30.20
CA THR B 80 -20.48 12.61 -29.88
C THR B 80 -20.81 14.02 -29.41
N VAL B 81 -19.86 14.60 -28.72
CA VAL B 81 -20.03 15.82 -27.91
C VAL B 81 -18.65 16.46 -27.84
N ALA B 82 -18.62 17.80 -27.85
CA ALA B 82 -17.41 18.64 -27.83
C ALA B 82 -17.16 19.08 -26.38
N LEU B 83 -15.95 18.84 -25.88
CA LEU B 83 -15.60 19.05 -24.45
C LEU B 83 -14.14 19.50 -24.38
N ASP B 84 -13.85 20.46 -23.51
CA ASP B 84 -12.47 20.91 -23.25
C ASP B 84 -12.30 21.00 -21.73
N GLY B 85 -11.42 20.20 -21.13
CA GLY B 85 -11.19 20.28 -19.69
C GLY B 85 -10.51 21.58 -19.37
N GLY B 86 -10.93 22.28 -18.33
CA GLY B 86 -10.30 23.59 -18.09
C GLY B 86 -11.13 24.70 -18.70
N ASP B 87 -12.21 24.34 -19.39
CA ASP B 87 -13.26 25.24 -19.89
C ASP B 87 -14.55 24.63 -19.35
N ILE B 88 -14.85 24.94 -18.09
CA ILE B 88 -16.01 24.37 -17.36
C ILE B 88 -17.28 24.68 -18.15
N ALA B 89 -17.34 25.83 -18.79
CA ALA B 89 -18.52 26.16 -19.64
C ALA B 89 -18.72 25.06 -20.70
N SER B 90 -17.65 24.64 -21.42
CA SER B 90 -17.74 23.57 -22.46
C SER B 90 -18.21 22.24 -21.81
N VAL B 91 -17.72 21.96 -20.59
CA VAL B 91 -18.04 20.72 -19.84
C VAL B 91 -19.53 20.76 -19.47
N ARG B 92 -20.02 21.93 -19.09
CA ARG B 92 -21.42 22.14 -18.65
C ARG B 92 -22.33 21.98 -19.88
N ALA B 93 -21.95 22.52 -21.03
CA ALA B 93 -22.76 22.43 -22.26
C ALA B 93 -22.77 20.99 -22.79
N ALA B 94 -21.67 20.25 -22.59
CA ALA B 94 -21.45 18.87 -23.13
C ALA B 94 -22.27 17.88 -22.32
N ILE B 95 -22.25 18.00 -21.00
CA ILE B 95 -23.04 17.09 -20.12
C ILE B 95 -24.54 17.36 -20.25
N ALA B 96 -24.96 18.63 -20.29
CA ALA B 96 -26.36 19.03 -20.55
C ALA B 96 -26.85 18.40 -21.87
N GLU B 97 -26.01 18.41 -22.91
CA GLU B 97 -26.39 17.88 -24.22
C GLU B 97 -26.61 16.37 -24.09
N VAL B 98 -25.72 15.68 -23.38
CA VAL B 98 -25.83 14.23 -23.08
C VAL B 98 -27.14 13.97 -22.33
N VAL B 99 -27.41 14.80 -21.32
CA VAL B 99 -28.57 14.63 -20.41
C VAL B 99 -29.86 14.91 -21.19
N GLN B 100 -29.87 15.96 -22.02
CA GLN B 100 -31.05 16.29 -22.85
C GLN B 100 -31.29 15.14 -23.82
N LYS B 101 -30.20 14.61 -24.36
CA LYS B 101 -30.18 13.47 -25.32
C LYS B 101 -30.52 12.12 -24.69
N PHE B 102 -30.01 11.82 -23.48
CA PHE B 102 -30.23 10.47 -22.88
C PHE B 102 -30.82 10.48 -21.47
N GLY B 103 -30.85 11.62 -20.79
CA GLY B 103 -31.53 11.75 -19.49
C GLY B 103 -30.72 11.29 -18.29
N ARG B 104 -29.64 10.55 -18.51
CA ARG B 104 -28.72 10.17 -17.40
C ARG B 104 -27.35 9.76 -17.95
N ILE B 105 -26.38 9.61 -17.03
CA ILE B 105 -25.05 8.95 -17.20
C ILE B 105 -24.99 7.80 -16.20
N ASP B 106 -24.86 6.56 -16.67
CA ASP B 106 -24.72 5.35 -15.84
C ASP B 106 -23.25 5.02 -15.59
N ILE B 107 -22.42 5.22 -16.63
CA ILE B 107 -20.96 4.96 -16.60
C ILE B 107 -20.25 6.19 -17.13
N LEU B 108 -19.34 6.75 -16.35
CA LEU B 108 -18.37 7.77 -16.84
C LEU B 108 -16.99 7.12 -16.89
N VAL B 109 -16.38 7.13 -18.09
CA VAL B 109 -14.97 6.71 -18.27
C VAL B 109 -14.12 7.94 -18.51
N ASN B 110 -13.41 8.40 -17.48
CA ASN B 110 -12.50 9.57 -17.57
C ASN B 110 -11.19 9.08 -18.21
N ASN B 111 -11.13 9.22 -19.53
CA ASN B 111 -10.06 8.62 -20.37
C ASN B 111 -9.25 9.75 -20.99
N ALA B 112 -9.88 10.88 -21.33
CA ALA B 112 -9.23 12.10 -21.87
C ALA B 112 -7.91 12.39 -21.14
N GLY B 113 -6.89 12.73 -21.91
CA GLY B 113 -5.56 13.14 -21.43
C GLY B 113 -4.76 13.79 -22.55
N SER B 114 -3.51 14.13 -22.28
CA SER B 114 -2.53 14.58 -23.30
C SER B 114 -1.16 14.06 -22.85
N ALA B 115 -0.14 14.22 -23.67
CA ALA B 115 1.24 13.76 -23.34
C ALA B 115 1.95 14.87 -22.54
N GLY B 116 1.47 16.11 -22.69
CA GLY B 116 2.12 17.31 -22.13
C GLY B 116 3.50 17.50 -22.77
N PRO B 117 4.26 18.55 -22.39
CA PRO B 117 5.61 18.72 -22.92
C PRO B 117 6.58 17.66 -22.38
N LYS B 118 7.39 17.11 -23.28
CA LYS B 118 8.42 16.08 -23.03
C LYS B 118 9.77 16.78 -22.81
N GLN B 119 10.00 17.30 -21.61
CA GLN B 119 11.22 18.03 -21.22
C GLN B 119 11.61 17.56 -19.83
N PRO B 120 12.92 17.39 -19.53
CA PRO B 120 13.32 17.18 -18.15
C PRO B 120 12.85 18.40 -17.34
N ILE B 121 12.82 18.23 -16.03
CA ILE B 121 12.31 19.30 -15.11
C ILE B 121 13.08 20.59 -15.38
N GLU B 122 14.38 20.50 -15.70
CA GLU B 122 15.26 21.68 -15.88
C GLU B 122 14.75 22.48 -17.09
N ASN B 123 13.98 21.89 -18.01
CA ASN B 123 13.64 22.63 -19.26
C ASN B 123 12.13 22.70 -19.50
N LEU B 124 11.29 22.59 -18.48
CA LEU B 124 9.80 22.64 -18.65
C LEU B 124 9.36 24.00 -19.18
N PRO B 125 8.51 24.10 -20.24
CA PRO B 125 7.88 25.37 -20.59
C PRO B 125 6.67 25.73 -19.70
N LEU B 126 6.71 26.89 -19.04
CA LEU B 126 5.65 27.44 -18.16
C LEU B 126 4.89 28.56 -18.87
N SER B 127 5.58 29.38 -19.65
CA SER B 127 4.89 30.49 -20.33
C SER B 127 4.66 30.14 -21.79
N PRO B 128 3.63 30.72 -22.42
CA PRO B 128 3.38 30.51 -23.86
C PRO B 128 4.56 30.94 -24.77
N GLU B 129 5.36 31.93 -24.38
CA GLU B 129 6.55 32.41 -25.14
C GLU B 129 7.66 31.36 -25.08
N GLU B 130 7.79 30.67 -23.95
CA GLU B 130 8.75 29.54 -23.75
C GLU B 130 8.31 28.35 -24.61
N LEU B 131 7.00 28.10 -24.70
CA LEU B 131 6.48 26.97 -25.52
C LEU B 131 6.77 27.23 -27.01
N ALA B 132 6.49 28.44 -27.48
CA ALA B 132 6.84 28.92 -28.83
C ALA B 132 8.33 28.69 -29.05
N ALA B 133 9.16 29.15 -28.12
CA ALA B 133 10.63 28.96 -28.14
C ALA B 133 10.98 27.48 -28.39
N LEU B 134 10.31 26.52 -27.74
CA LEU B 134 10.55 25.05 -27.91
C LEU B 134 10.16 24.57 -29.33
N GLN B 135 9.16 25.20 -29.96
CA GLN B 135 8.60 24.76 -31.28
C GLN B 135 9.55 25.20 -32.41
N LYS B 136 10.54 26.05 -32.10
CA LYS B 136 11.64 26.44 -33.03
C LYS B 136 12.78 25.39 -32.97
N THR B 137 12.75 24.48 -32.00
CA THR B 137 13.77 23.40 -31.95
C THR B 137 13.17 22.18 -32.65
N GLY B 138 12.00 22.37 -33.27
CA GLY B 138 11.28 21.32 -34.01
C GLY B 138 10.75 20.23 -33.08
N SER B 139 10.71 20.52 -31.77
CA SER B 139 10.06 19.70 -30.71
C SER B 139 8.57 19.57 -31.04
N THR B 140 7.99 18.41 -30.77
CA THR B 140 6.57 18.05 -31.02
C THR B 140 5.66 18.57 -29.89
N ASP B 141 6.22 19.23 -28.86
CA ASP B 141 5.49 19.83 -27.71
C ASP B 141 4.50 20.89 -28.19
N SER B 142 3.27 20.83 -27.67
CA SER B 142 2.16 21.75 -28.07
C SER B 142 1.45 22.28 -26.83
N GLU B 143 2.05 22.11 -25.65
CA GLU B 143 1.36 22.35 -24.35
C GLU B 143 2.34 22.90 -23.31
N THR B 144 1.85 23.91 -22.58
CA THR B 144 2.45 24.51 -21.35
C THR B 144 2.30 23.48 -20.23
N VAL B 145 3.04 23.59 -19.13
CA VAL B 145 2.86 22.72 -17.93
C VAL B 145 1.41 22.84 -17.43
N ALA B 146 0.89 24.05 -17.48
CA ALA B 146 -0.48 24.45 -17.05
C ALA B 146 -1.53 23.88 -18.03
N ASP B 147 -1.24 23.81 -19.33
CA ASP B 147 -2.15 23.19 -20.35
C ASP B 147 -2.25 21.70 -20.05
N ALA B 148 -1.11 21.07 -19.77
CA ALA B 148 -1.01 19.62 -19.48
C ALA B 148 -1.87 19.34 -18.25
N LEU B 149 -1.82 20.21 -17.25
CA LEU B 149 -2.57 20.05 -15.98
C LEU B 149 -4.07 20.11 -16.30
N ARG B 150 -4.49 21.09 -17.09
CA ARG B 150 -5.91 21.24 -17.50
C ARG B 150 -6.35 20.04 -18.32
N ASN B 151 -5.48 19.48 -19.15
CA ASN B 151 -5.88 18.41 -20.10
C ASN B 151 -5.80 17.03 -19.47
N ILE B 152 -5.10 16.86 -18.35
CA ILE B 152 -4.90 15.52 -17.73
C ILE B 152 -5.74 15.44 -16.46
N PHE B 153 -5.55 16.42 -15.56
CA PHE B 153 -6.16 16.48 -14.22
C PHE B 153 -7.46 17.29 -14.26
N GLY B 154 -7.43 18.48 -14.86
CA GLY B 154 -8.59 19.38 -15.05
C GLY B 154 -9.81 18.69 -15.67
N VAL B 155 -9.65 18.02 -16.82
CA VAL B 155 -10.74 17.25 -17.53
C VAL B 155 -11.41 16.32 -16.53
N ALA B 156 -10.65 15.44 -15.89
CA ALA B 156 -11.23 14.39 -15.00
C ALA B 156 -12.02 15.08 -13.89
N TRP B 157 -11.45 16.10 -13.26
CA TRP B 157 -12.07 16.81 -12.11
C TRP B 157 -13.38 17.43 -12.57
N ASN B 158 -13.36 18.16 -13.68
CA ASN B 158 -14.52 18.94 -14.17
C ASN B 158 -15.61 17.99 -14.66
N VAL B 159 -15.27 17.02 -15.49
CA VAL B 159 -16.28 16.15 -16.14
C VAL B 159 -16.97 15.32 -15.05
N ALA B 160 -16.22 14.83 -14.05
CA ALA B 160 -16.76 14.07 -12.89
C ALA B 160 -17.72 14.95 -12.08
N ARG B 161 -17.33 16.17 -11.71
CA ARG B 161 -18.18 17.07 -10.89
C ARG B 161 -19.44 17.49 -11.65
N VAL B 162 -19.33 17.76 -12.94
CA VAL B 162 -20.52 18.18 -13.74
C VAL B 162 -21.45 16.99 -13.99
N ALA B 163 -20.94 15.76 -14.00
CA ALA B 163 -21.71 14.55 -14.37
C ALA B 163 -22.36 13.93 -13.14
N ALA B 164 -21.74 14.06 -11.95
CA ALA B 164 -22.09 13.30 -10.73
C ALA B 164 -23.57 13.46 -10.39
N PRO B 165 -24.15 14.68 -10.45
CA PRO B 165 -25.57 14.86 -10.18
C PRO B 165 -26.50 14.05 -11.10
N HIS B 166 -26.10 13.81 -12.36
CA HIS B 166 -26.89 13.08 -13.41
C HIS B 166 -26.58 11.57 -13.40
N ILE B 167 -25.75 11.10 -12.49
CA ILE B 167 -25.39 9.66 -12.38
C ILE B 167 -26.23 9.15 -11.24
N PRO B 168 -27.06 8.12 -11.45
CA PRO B 168 -27.87 7.57 -10.38
C PRO B 168 -27.07 6.65 -9.46
N GLU B 169 -27.74 6.28 -8.37
CA GLU B 169 -27.36 5.19 -7.45
C GLU B 169 -26.95 4.02 -8.30
N GLY B 170 -25.95 3.27 -7.84
CA GLY B 170 -25.38 2.11 -8.58
C GLY B 170 -24.63 2.52 -9.84
N GLY B 171 -24.35 3.80 -10.05
CA GLY B 171 -23.54 4.30 -11.19
C GLY B 171 -22.04 4.09 -10.97
N SER B 172 -21.26 4.17 -12.05
CA SER B 172 -19.83 3.79 -12.07
C SER B 172 -19.01 4.88 -12.77
N ILE B 173 -18.10 5.52 -12.04
CA ILE B 173 -17.01 6.37 -12.61
C ILE B 173 -15.70 5.55 -12.68
N ILE B 174 -15.10 5.54 -13.86
CA ILE B 174 -13.80 4.87 -14.14
C ILE B 174 -12.80 5.94 -14.58
N ASN B 175 -11.79 6.14 -13.73
CA ASN B 175 -10.69 7.14 -13.85
C ASN B 175 -9.49 6.40 -14.41
N VAL B 176 -9.04 6.77 -15.61
CA VAL B 176 -7.90 6.11 -16.32
C VAL B 176 -6.60 6.86 -16.05
N SER B 177 -5.73 6.28 -15.25
CA SER B 177 -4.41 6.86 -14.96
C SER B 177 -3.42 6.19 -15.90
N THR B 178 -2.30 5.74 -15.33
CA THR B 178 -1.17 5.07 -16.00
C THR B 178 -0.22 4.59 -14.91
N ILE B 179 0.40 3.45 -15.12
CA ILE B 179 1.39 2.97 -14.13
C ILE B 179 2.54 4.00 -14.04
N PHE B 180 2.74 4.79 -15.07
CA PHE B 180 3.92 5.70 -15.14
C PHE B 180 3.83 6.80 -14.06
N SER B 181 2.65 7.01 -13.53
CA SER B 181 2.33 7.97 -12.46
C SER B 181 3.02 7.53 -11.16
N ARG B 182 3.66 6.35 -11.15
CA ARG B 182 4.22 5.77 -9.92
C ARG B 182 5.67 5.32 -10.16
N THR B 183 6.17 5.55 -11.36
CA THR B 183 7.52 5.08 -11.73
C THR B 183 8.33 6.25 -12.29
N PRO B 184 9.67 6.12 -12.37
CA PRO B 184 10.49 7.07 -13.07
C PRO B 184 10.10 7.05 -14.56
N TYR B 185 10.08 8.23 -15.16
CA TYR B 185 9.73 8.41 -16.59
C TYR B 185 10.43 9.70 -17.04
N TYR B 186 11.67 9.57 -17.49
CA TYR B 186 12.54 10.72 -17.85
C TYR B 186 11.87 11.63 -18.88
N ALA B 187 11.91 12.94 -18.60
CA ALA B 187 11.38 14.03 -19.45
C ALA B 187 9.85 14.01 -19.48
N ARG B 188 9.19 13.41 -18.48
CA ARG B 188 7.70 13.33 -18.54
C ARG B 188 7.05 13.79 -17.21
N ALA B 189 7.69 14.61 -16.39
CA ALA B 189 7.04 15.25 -15.22
C ALA B 189 5.75 15.98 -15.67
N ALA B 190 5.68 16.58 -16.85
CA ALA B 190 4.47 17.35 -17.22
C ALA B 190 3.27 16.41 -17.35
N TYR B 191 3.51 15.13 -17.61
CA TYR B 191 2.43 14.14 -17.78
C TYR B 191 2.17 13.36 -16.48
N VAL B 192 3.21 12.81 -15.87
CA VAL B 192 3.04 11.96 -14.66
C VAL B 192 2.56 12.71 -13.40
N VAL B 193 3.05 13.92 -13.10
CA VAL B 193 2.58 14.54 -11.84
C VAL B 193 1.07 14.86 -11.91
N PRO B 194 0.52 15.33 -13.03
CA PRO B 194 -0.92 15.53 -13.14
C PRO B 194 -1.65 14.20 -12.94
N LYS B 195 -1.15 13.10 -13.50
CA LYS B 195 -1.76 11.77 -13.31
C LYS B 195 -1.73 11.36 -11.82
N ALA B 196 -0.63 11.60 -11.12
CA ALA B 196 -0.51 11.28 -9.68
C ALA B 196 -1.45 12.15 -8.88
N ALA B 197 -1.62 13.40 -9.30
CA ALA B 197 -2.66 14.30 -8.73
C ALA B 197 -4.04 13.63 -8.94
N MET B 198 -4.40 13.20 -10.15
CA MET B 198 -5.69 12.50 -10.35
C MET B 198 -5.78 11.27 -9.41
N ASN B 199 -4.74 10.47 -9.32
CA ASN B 199 -4.81 9.22 -8.54
C ASN B 199 -5.50 9.53 -7.20
N ALA B 200 -5.00 10.54 -6.47
CA ALA B 200 -5.42 10.95 -5.11
C ALA B 200 -6.82 11.56 -5.16
N TRP B 201 -7.08 12.39 -6.17
CA TRP B 201 -8.43 12.96 -6.40
C TRP B 201 -9.41 11.79 -6.56
N SER B 202 -9.09 10.81 -7.40
CA SER B 202 -10.01 9.67 -7.62
C SER B 202 -10.40 9.13 -6.24
N ARG B 203 -9.43 8.92 -5.36
CA ARG B 203 -9.78 8.37 -4.03
C ARG B 203 -10.71 9.32 -3.27
N GLU B 204 -10.42 10.61 -3.30
CA GLU B 204 -11.22 11.61 -2.56
C GLU B 204 -12.63 11.62 -3.14
N LEU B 205 -12.76 11.53 -4.47
CA LEU B 205 -14.08 11.48 -5.15
C LEU B 205 -14.82 10.22 -4.75
N SER B 206 -14.14 9.09 -4.63
CA SER B 206 -14.76 7.83 -4.18
C SER B 206 -15.40 8.01 -2.78
N LEU B 207 -14.74 8.75 -1.88
CA LEU B 207 -15.24 8.96 -0.48
C LEU B 207 -16.50 9.83 -0.50
N GLU B 208 -16.61 10.76 -1.43
CA GLU B 208 -17.71 11.75 -1.48
C GLU B 208 -18.92 11.15 -2.18
N LEU B 209 -18.71 10.36 -3.23
CA LEU B 209 -19.79 9.83 -4.12
C LEU B 209 -20.25 8.45 -3.66
N GLY B 210 -19.39 7.71 -2.97
CA GLY B 210 -19.74 6.39 -2.39
C GLY B 210 -21.02 6.43 -1.55
N PRO B 211 -21.16 7.36 -0.56
CA PRO B 211 -22.38 7.42 0.26
C PRO B 211 -23.63 7.67 -0.60
N LYS B 212 -23.50 8.34 -1.74
CA LYS B 212 -24.60 8.47 -2.73
C LYS B 212 -24.82 7.19 -3.54
N GLY B 213 -24.03 6.13 -3.31
CA GLY B 213 -24.12 4.86 -4.07
C GLY B 213 -23.46 4.91 -5.45
N ILE B 214 -22.58 5.88 -5.73
CA ILE B 214 -21.80 5.98 -7.00
C ILE B 214 -20.39 5.47 -6.74
N ARG B 215 -19.95 4.44 -7.45
CA ARG B 215 -18.62 3.80 -7.33
C ARG B 215 -17.58 4.62 -8.11
N VAL B 216 -16.43 4.86 -7.50
CA VAL B 216 -15.27 5.53 -8.20
C VAL B 216 -14.06 4.58 -8.17
N ASN B 217 -13.60 4.15 -9.35
CA ASN B 217 -12.47 3.18 -9.45
C ASN B 217 -11.44 3.71 -10.45
N LEU B 218 -10.19 3.34 -10.19
CA LEU B 218 -8.98 3.89 -10.85
C LEU B 218 -8.29 2.75 -11.61
N VAL B 219 -8.20 2.86 -12.93
CA VAL B 219 -7.46 1.90 -13.79
C VAL B 219 -6.03 2.42 -14.04
N TYR B 220 -5.04 1.59 -13.73
CA TYR B 220 -3.64 1.95 -14.05
C TYR B 220 -3.16 1.04 -15.19
N PRO B 221 -3.28 1.45 -16.46
CA PRO B 221 -2.74 0.65 -17.52
C PRO B 221 -1.21 0.71 -17.42
N GLY B 222 -0.55 -0.37 -17.86
CA GLY B 222 0.92 -0.42 -17.99
C GLY B 222 1.36 0.12 -19.33
N PRO B 223 2.61 -0.06 -19.79
CA PRO B 223 2.93 0.41 -21.12
C PRO B 223 2.03 -0.38 -22.08
N ILE B 224 1.33 0.30 -22.98
CA ILE B 224 0.35 -0.39 -23.86
C ILE B 224 1.03 -0.89 -25.14
N GLU B 225 0.92 -2.20 -25.39
CA GLU B 225 1.43 -2.85 -26.61
C GLU B 225 0.96 -2.06 -27.83
N SER B 226 1.86 -1.86 -28.76
CA SER B 226 1.63 -1.11 -30.02
C SER B 226 2.89 -1.28 -30.87
N GLU B 227 2.76 -1.08 -32.18
CA GLU B 227 3.87 -1.09 -33.15
C GLU B 227 4.83 0.06 -32.87
N ARG B 228 4.41 1.05 -32.09
CA ARG B 228 5.18 2.30 -31.89
C ARG B 228 6.03 2.21 -30.62
N ILE B 229 5.58 1.47 -29.63
CA ILE B 229 6.01 1.71 -28.21
C ILE B 229 7.51 1.47 -28.06
N ARG B 230 8.05 0.45 -28.72
CA ARG B 230 9.45 -0.02 -28.48
C ARG B 230 10.42 1.00 -29.12
N SER B 231 10.00 1.63 -30.23
CA SER B 231 10.68 2.77 -30.87
C SER B 231 10.65 3.99 -29.97
N VAL B 232 9.47 4.26 -29.44
CA VAL B 232 9.26 5.44 -28.57
C VAL B 232 10.14 5.27 -27.34
N PHE B 233 10.25 4.06 -26.80
CA PHE B 233 11.16 3.81 -25.65
C PHE B 233 12.64 3.89 -26.08
N ALA B 234 12.96 3.56 -27.35
CA ALA B 234 14.33 3.60 -27.90
C ALA B 234 14.77 5.06 -28.04
N ALA B 235 13.89 5.89 -28.63
CA ALA B 235 14.02 7.37 -28.73
C ALA B 235 14.19 8.00 -27.35
N MET B 236 13.52 7.49 -26.31
CA MET B 236 13.75 7.98 -24.93
C MET B 236 15.16 7.59 -24.49
N ASP B 237 15.57 6.36 -24.79
CA ASP B 237 16.94 5.86 -24.47
C ASP B 237 18.00 6.80 -25.07
N ALA B 238 17.86 7.16 -26.35
CA ALA B 238 18.77 8.05 -27.12
C ALA B 238 18.79 9.44 -26.45
N ALA B 239 17.62 10.04 -26.24
CA ALA B 239 17.48 11.41 -25.67
C ALA B 239 18.24 11.54 -24.34
N ARG B 240 18.49 10.46 -23.60
CA ARG B 240 19.21 10.58 -22.30
C ARG B 240 20.58 9.89 -22.34
N GLY B 241 21.03 9.43 -23.51
CA GLY B 241 22.36 8.83 -23.73
C GLY B 241 22.50 7.41 -23.20
N ASP B 242 21.39 6.66 -23.09
CA ASP B 242 21.35 5.23 -22.66
C ASP B 242 21.25 4.32 -23.90
N GLU B 243 21.70 3.08 -23.76
CA GLU B 243 21.64 2.11 -24.89
C GLU B 243 20.20 1.71 -25.17
N ALA B 244 19.86 1.59 -26.45
CA ALA B 244 18.54 1.11 -26.91
C ALA B 244 18.11 -0.06 -26.02
N GLY B 245 16.93 0.03 -25.43
CA GLY B 245 16.28 -1.05 -24.66
C GLY B 245 16.36 -0.89 -23.15
N THR B 246 17.01 0.17 -22.65
CA THR B 246 17.19 0.46 -21.19
C THR B 246 15.81 0.69 -20.56
N THR B 247 14.99 1.50 -21.21
CA THR B 247 13.65 1.90 -20.71
C THR B 247 12.73 0.68 -20.72
N ALA B 248 12.57 0.04 -21.88
CA ALA B 248 11.69 -1.15 -22.04
C ALA B 248 12.14 -2.19 -21.01
N THR B 249 13.43 -2.38 -20.87
CA THR B 249 13.98 -3.43 -19.97
C THR B 249 13.63 -3.03 -18.54
N GLN B 250 13.62 -1.74 -18.20
CA GLN B 250 13.37 -1.30 -16.80
C GLN B 250 11.95 -1.72 -16.40
N PHE B 251 11.01 -1.61 -17.32
CA PHE B 251 9.58 -1.88 -17.10
C PHE B 251 9.36 -3.39 -17.07
N PHE B 252 10.01 -4.14 -17.96
CA PHE B 252 10.00 -5.62 -17.92
C PHE B 252 10.51 -6.13 -16.56
N ASP B 253 11.59 -5.57 -16.01
CA ASP B 253 12.15 -6.06 -14.71
C ASP B 253 11.16 -5.80 -13.56
N MET B 254 10.22 -4.89 -13.75
CA MET B 254 9.22 -4.57 -12.72
C MET B 254 8.14 -5.66 -12.74
N MET B 255 7.83 -6.18 -13.94
CA MET B 255 6.77 -7.18 -14.22
C MET B 255 7.14 -8.54 -13.66
N SER B 256 6.19 -9.21 -13.00
CA SER B 256 6.32 -10.59 -12.47
C SER B 256 5.72 -11.59 -13.46
N LEU B 257 4.93 -11.14 -14.43
CA LEU B 257 4.16 -12.03 -15.35
C LEU B 257 4.72 -11.94 -16.78
N GLU B 258 5.11 -13.10 -17.32
CA GLU B 258 5.32 -13.30 -18.77
C GLU B 258 4.00 -13.75 -19.40
N ARG B 259 3.79 -13.40 -20.66
CA ARG B 259 2.54 -13.69 -21.40
C ARG B 259 2.84 -13.91 -22.91
N ALA B 260 2.09 -14.81 -23.52
CA ALA B 260 2.01 -15.03 -24.97
C ALA B 260 0.94 -14.08 -25.51
N THR B 261 1.32 -12.99 -26.16
CA THR B 261 0.36 -12.08 -26.85
C THR B 261 0.62 -12.11 -28.37
N GLY B 262 -0.45 -12.00 -29.18
CA GLY B 262 -0.45 -11.76 -30.62
C GLY B 262 0.17 -12.89 -31.42
N GLY B 263 0.19 -14.11 -30.88
CA GLY B 263 0.77 -15.28 -31.56
C GLY B 263 2.23 -15.47 -31.21
N ASN B 264 2.81 -14.52 -30.50
CA ASN B 264 4.23 -14.57 -30.08
C ASN B 264 4.34 -15.51 -28.87
N GLU B 265 5.54 -15.99 -28.59
CA GLU B 265 5.68 -16.89 -27.43
C GLU B 265 5.70 -16.11 -26.12
N LYS B 266 5.40 -16.81 -25.03
CA LYS B 266 5.52 -16.34 -23.64
C LYS B 266 6.80 -15.52 -23.53
N ALA B 267 6.69 -14.27 -23.07
CA ALA B 267 7.83 -13.32 -22.88
C ALA B 267 7.41 -12.22 -21.89
N LYS B 268 8.39 -11.49 -21.38
CA LYS B 268 8.21 -10.09 -20.93
C LYS B 268 7.64 -9.32 -22.14
N THR B 269 6.41 -8.82 -21.98
CA THR B 269 5.72 -8.02 -23.03
C THR B 269 4.71 -7.10 -22.35
N PHE B 270 3.93 -6.37 -23.15
CA PHE B 270 3.08 -5.25 -22.68
C PHE B 270 1.64 -5.69 -22.68
N PRO B 271 0.85 -5.27 -21.66
CA PRO B 271 -0.58 -5.53 -21.67
C PRO B 271 -1.17 -4.80 -22.89
N THR B 272 -2.31 -5.24 -23.42
CA THR B 272 -2.90 -4.74 -24.68
C THR B 272 -3.99 -3.71 -24.42
N PRO B 273 -4.41 -2.93 -25.45
CA PRO B 273 -5.53 -2.03 -25.28
C PRO B 273 -6.77 -2.83 -24.86
N GLU B 274 -6.89 -4.06 -25.38
CA GLU B 274 -8.04 -4.99 -25.17
C GLU B 274 -8.10 -5.36 -23.70
N ASP B 275 -6.95 -5.57 -23.05
CA ASP B 275 -6.90 -5.80 -21.58
C ASP B 275 -7.56 -4.61 -20.89
N ILE B 276 -7.26 -3.38 -21.30
CA ILE B 276 -7.80 -2.15 -20.66
C ILE B 276 -9.31 -2.09 -20.89
N ALA B 277 -9.77 -2.33 -22.13
CA ALA B 277 -11.21 -2.30 -22.48
C ALA B 277 -11.99 -3.33 -21.63
N THR B 278 -11.48 -4.56 -21.45
CA THR B 278 -12.22 -5.66 -20.75
C THR B 278 -12.32 -5.28 -19.27
N THR B 279 -11.29 -4.66 -18.70
CA THR B 279 -11.37 -4.11 -17.32
C THR B 279 -12.46 -3.01 -17.25
N CYS B 280 -12.58 -2.18 -18.27
CA CYS B 280 -13.56 -1.07 -18.28
C CYS B 280 -14.98 -1.64 -18.43
N VAL B 281 -15.13 -2.84 -19.00
CA VAL B 281 -16.46 -3.49 -19.10
C VAL B 281 -16.79 -3.99 -17.71
N PHE B 282 -15.91 -4.77 -17.10
CA PHE B 282 -16.08 -5.24 -15.71
C PHE B 282 -16.58 -4.12 -14.80
N LEU B 283 -15.91 -2.97 -14.84
CA LEU B 283 -16.09 -1.89 -13.85
C LEU B 283 -17.35 -1.11 -14.19
N GLY B 284 -17.70 -0.95 -15.46
CA GLY B 284 -18.98 -0.32 -15.85
C GLY B 284 -20.20 -1.20 -15.57
N SER B 285 -20.06 -2.52 -15.61
CA SER B 285 -21.15 -3.49 -15.36
C SER B 285 -21.43 -3.55 -13.86
N ASP B 286 -22.62 -4.02 -13.50
CA ASP B 286 -23.05 -4.20 -12.11
C ASP B 286 -22.33 -5.40 -11.52
N GLU B 287 -21.41 -6.02 -12.25
CA GLU B 287 -20.59 -7.13 -11.72
C GLU B 287 -19.56 -6.60 -10.72
N SER B 288 -19.35 -5.28 -10.66
CA SER B 288 -18.28 -4.64 -9.86
C SER B 288 -18.87 -3.73 -8.79
N ALA B 289 -20.13 -3.96 -8.42
CA ALA B 289 -20.97 -3.05 -7.58
C ALA B 289 -20.40 -2.95 -6.16
N ALA B 290 -19.54 -3.87 -5.71
CA ALA B 290 -18.99 -3.91 -4.33
C ALA B 290 -17.64 -3.17 -4.25
N TYR B 291 -17.13 -2.72 -5.39
CA TYR B 291 -15.80 -2.06 -5.51
C TYR B 291 -15.96 -0.55 -5.40
N ASN B 292 -15.24 0.08 -4.47
CA ASN B 292 -15.15 1.58 -4.41
C ASN B 292 -13.78 2.00 -3.94
N GLY B 293 -13.20 2.99 -4.64
CA GLY B 293 -11.87 3.56 -4.40
C GLY B 293 -10.80 2.51 -4.56
N HIS B 294 -11.06 1.59 -5.48
CA HIS B 294 -10.21 0.41 -5.75
C HIS B 294 -9.39 0.70 -6.99
N ASP B 295 -8.16 0.20 -6.97
CA ASP B 295 -7.13 0.31 -8.05
C ASP B 295 -7.14 -0.94 -8.91
N PHE B 296 -7.11 -0.79 -10.22
CA PHE B 296 -6.99 -1.90 -11.19
C PHE B 296 -5.76 -1.66 -12.06
N GLU B 297 -4.68 -2.34 -11.68
CA GLU B 297 -3.32 -2.20 -12.26
C GLU B 297 -3.14 -3.30 -13.30
N VAL B 298 -3.39 -2.96 -14.57
CA VAL B 298 -3.36 -3.86 -15.75
C VAL B 298 -1.95 -3.78 -16.31
N THR B 299 -1.01 -4.37 -15.59
CA THR B 299 0.44 -4.10 -15.76
C THR B 299 1.29 -5.38 -15.89
N HIS B 300 0.73 -6.60 -15.95
CA HIS B 300 1.52 -7.86 -15.85
C HIS B 300 2.30 -7.91 -14.54
N GLY B 301 1.70 -7.43 -13.47
CA GLY B 301 2.27 -7.52 -12.11
C GLY B 301 3.49 -6.61 -11.89
N MET B 302 3.44 -5.39 -12.40
CA MET B 302 4.59 -4.46 -12.21
C MET B 302 4.70 -4.15 -10.71
N SER B 303 5.90 -4.33 -10.18
CA SER B 303 6.10 -4.11 -8.74
C SER B 303 6.50 -2.67 -8.45
N VAL B 304 5.54 -1.91 -7.94
CA VAL B 304 5.71 -0.52 -7.44
C VAL B 304 4.99 -0.45 -6.08
N ARG B 305 5.19 0.64 -5.35
CA ARG B 305 4.49 0.84 -4.06
C ARG B 305 3.43 1.93 -4.27
N LYS B 306 2.35 1.87 -3.50
CA LYS B 306 1.29 2.93 -3.51
C LYS B 306 1.88 4.24 -2.96
N GLU B 307 2.78 4.09 -1.97
CA GLU B 307 3.53 5.23 -1.39
C GLU B 307 4.85 4.78 -0.75
N GLN B 308 5.99 5.10 -1.38
CA GLN B 308 7.34 4.97 -0.74
C GLN B 308 7.32 5.94 0.45
N ARG B 309 7.16 5.41 1.67
CA ARG B 309 6.94 6.31 2.83
C ARG B 309 7.34 5.66 4.16
N SER B 310 7.44 6.52 5.18
CA SER B 310 7.81 6.13 6.56
C SER B 310 7.37 7.24 7.53
N THR B 311 7.16 6.91 8.80
CA THR B 311 6.89 7.94 9.82
C THR B 311 8.19 8.23 10.56
N TYR B 312 8.30 9.40 11.16
CA TYR B 312 9.52 9.74 11.92
C TYR B 312 9.40 9.10 13.30
N LEU B 313 10.32 8.19 13.61
CA LEU B 313 10.29 7.48 14.91
C LEU B 313 11.36 8.06 15.83
N ALA B 314 11.91 9.21 15.46
CA ALA B 314 12.93 9.83 16.32
C ALA B 314 12.79 11.36 16.29
N ARG B 315 13.15 11.98 17.40
CA ARG B 315 13.16 13.45 17.53
C ARG B 315 14.31 13.94 16.65
N PRO B 316 14.19 15.06 15.92
CA PRO B 316 15.33 15.49 15.16
C PRO B 316 16.37 15.96 16.19
N THR B 317 17.58 15.43 16.05
CA THR B 317 18.76 15.81 16.87
C THR B 317 19.72 16.51 15.89
N MET B 318 20.30 17.62 16.34
CA MET B 318 20.90 18.64 15.43
C MET B 318 21.95 19.41 16.23
N ARG B 319 23.13 19.66 15.65
CA ARG B 319 24.24 20.41 16.27
C ARG B 319 24.23 21.84 15.72
N SER B 320 24.95 22.76 16.38
CA SER B 320 24.99 24.22 16.06
C SER B 320 25.93 24.47 14.87
N MET B 321 26.88 23.58 14.61
CA MET B 321 27.93 23.72 13.55
C MET B 321 27.61 22.84 12.33
N ASP B 322 26.41 22.25 12.28
CA ASP B 322 25.91 21.44 11.13
C ASP B 322 25.91 22.27 9.83
N GLY B 323 25.53 23.56 9.89
CA GLY B 323 25.05 24.33 8.73
C GLY B 323 26.07 25.32 8.20
N THR B 324 27.29 25.29 8.73
CA THR B 324 28.41 26.22 8.43
C THR B 324 28.78 26.13 6.95
N GLY B 325 28.68 27.23 6.20
CA GLY B 325 29.06 27.29 4.77
C GLY B 325 27.87 27.00 3.88
N LEU B 326 26.78 26.47 4.44
CA LEU B 326 25.53 26.13 3.69
C LEU B 326 24.53 27.27 3.79
N ALA B 327 23.78 27.46 2.70
CA ALA B 327 22.65 28.42 2.62
C ALA B 327 21.38 27.68 2.18
N VAL B 328 20.33 27.73 3.01
CA VAL B 328 19.00 27.16 2.72
C VAL B 328 18.08 28.26 2.18
N LEU B 329 17.46 28.05 1.03
CA LEU B 329 16.35 28.88 0.53
C LEU B 329 15.02 28.32 1.10
N ILE B 330 14.15 29.20 1.62
CA ILE B 330 12.75 28.83 1.98
C ILE B 330 11.80 29.57 1.04
N ALA B 331 11.05 28.85 0.22
CA ALA B 331 9.96 29.39 -0.62
C ALA B 331 8.68 29.31 0.21
N ALA B 332 8.48 30.34 1.01
CA ALA B 332 7.29 30.52 1.86
C ALA B 332 6.07 30.78 0.96
N GLY B 333 4.88 30.51 1.52
CA GLY B 333 3.55 30.84 0.99
C GLY B 333 3.01 32.06 1.71
N ASP B 334 1.68 32.21 1.81
CA ASP B 334 1.04 33.41 2.41
C ASP B 334 1.36 33.52 3.90
N ASP B 335 1.35 32.41 4.67
N ASP B 335 1.41 32.40 4.62
CA ASP B 335 1.68 32.42 6.13
CA ASP B 335 1.66 32.38 6.09
C ASP B 335 3.21 32.43 6.29
C ASP B 335 3.19 32.43 6.32
N TRP B 336 3.79 33.62 6.19
CA TRP B 336 5.24 33.87 6.41
C TRP B 336 5.66 33.57 7.86
N GLU B 337 4.74 33.68 8.82
CA GLU B 337 5.08 33.58 10.28
C GLU B 337 5.59 32.16 10.54
N GLU B 338 4.88 31.19 10.00
CA GLU B 338 5.23 29.75 9.97
C GLU B 338 6.62 29.55 9.34
N ALA B 339 6.83 30.12 8.14
CA ALA B 339 8.07 29.95 7.33
C ALA B 339 9.27 30.44 8.13
N LEU B 340 9.08 31.52 8.88
CA LEU B 340 10.14 32.16 9.69
C LEU B 340 10.48 31.27 10.88
N GLU B 341 9.51 30.59 11.50
CA GLU B 341 9.79 29.62 12.61
C GLU B 341 10.69 28.49 12.08
N ILE B 342 10.41 27.98 10.88
CA ILE B 342 11.30 26.99 10.20
C ILE B 342 12.65 27.68 9.96
N ALA B 343 12.66 28.89 9.39
CA ALA B 343 13.92 29.66 9.15
C ALA B 343 14.79 29.64 10.43
N GLN B 344 14.18 29.82 11.61
CA GLN B 344 14.91 29.99 12.89
C GLN B 344 15.69 28.71 13.18
N VAL B 345 15.04 27.57 13.03
CA VAL B 345 15.68 26.27 13.35
C VAL B 345 16.89 26.09 12.42
N GLN B 346 16.80 26.52 11.15
CA GLN B 346 17.94 26.43 10.20
C GLN B 346 19.08 27.35 10.71
N LEU B 347 18.73 28.53 11.23
CA LEU B 347 19.75 29.54 11.64
C LEU B 347 20.51 28.99 12.85
N ALA B 348 19.78 28.38 13.79
CA ALA B 348 20.32 27.65 14.97
C ALA B 348 21.30 26.56 14.54
N CYS B 349 21.12 25.92 13.40
CA CYS B 349 22.05 24.86 12.91
C CYS B 349 23.24 25.49 12.18
N GLY B 350 23.34 26.83 12.17
CA GLY B 350 24.52 27.57 11.69
C GLY B 350 24.44 27.99 10.23
N ALA B 351 23.42 27.57 9.48
CA ALA B 351 23.35 27.86 8.04
C ALA B 351 22.82 29.28 7.83
N GLN B 352 23.17 29.88 6.71
CA GLN B 352 22.49 31.09 6.22
C GLN B 352 21.09 30.70 5.71
N VAL B 353 20.13 31.63 5.73
CA VAL B 353 18.74 31.38 5.28
C VAL B 353 18.29 32.52 4.38
N VAL B 354 17.78 32.21 3.20
CA VAL B 354 17.07 33.19 2.34
C VAL B 354 15.59 32.91 2.53
N LEU B 355 14.87 33.83 3.17
CA LEU B 355 13.40 33.66 3.33
C LEU B 355 12.72 34.39 2.18
N GLY B 356 12.09 33.62 1.30
CA GLY B 356 11.48 34.12 0.06
C GLY B 356 9.99 34.24 0.22
N LEU B 357 9.46 35.46 0.34
CA LEU B 357 8.02 35.73 0.63
C LEU B 357 7.32 36.15 -0.65
N PRO B 358 6.12 35.64 -1.00
CA PRO B 358 5.48 35.97 -2.28
C PRO B 358 4.99 37.42 -2.50
N ARG B 359 4.40 38.07 -1.49
CA ARG B 359 4.01 39.52 -1.53
C ARG B 359 5.10 40.41 -0.90
N ALA B 360 5.39 41.57 -1.50
CA ALA B 360 6.46 42.50 -1.02
C ALA B 360 6.02 43.12 0.31
N ALA B 361 4.69 43.18 0.49
CA ALA B 361 3.95 43.60 1.70
C ALA B 361 4.51 42.86 2.91
N ASP B 362 4.65 41.54 2.78
CA ASP B 362 5.02 40.63 3.88
C ASP B 362 6.53 40.77 4.14
N VAL B 363 7.32 41.23 3.18
CA VAL B 363 8.78 41.43 3.37
C VAL B 363 9.00 42.53 4.42
N ALA B 364 8.34 43.67 4.22
CA ALA B 364 8.37 44.84 5.12
C ALA B 364 8.06 44.35 6.54
N ILE B 365 6.87 43.78 6.70
CA ILE B 365 6.27 43.36 7.99
C ILE B 365 7.25 42.41 8.68
N ALA B 366 7.84 41.47 7.93
CA ALA B 366 8.65 40.36 8.49
C ALA B 366 10.07 40.86 8.82
N GLU B 367 10.67 41.61 7.89
CA GLU B 367 12.03 42.20 8.02
C GLU B 367 12.12 43.01 9.32
N LYS B 368 11.09 43.81 9.60
CA LYS B 368 10.95 44.61 10.84
C LYS B 368 10.74 43.65 12.02
N ARG B 369 9.73 42.78 11.94
CA ARG B 369 9.38 41.87 13.06
C ARG B 369 10.53 40.90 13.34
N CYS B 370 11.51 40.89 12.46
CA CYS B 370 12.73 40.05 12.64
C CYS B 370 13.80 40.80 13.43
N LYS B 371 13.93 42.11 13.22
CA LYS B 371 14.76 43.03 14.05
C LYS B 371 14.27 42.97 15.49
N ALA B 372 12.96 42.86 15.66
CA ALA B 372 12.30 42.76 16.98
C ALA B 372 12.78 41.48 17.68
N LEU B 373 13.03 40.43 16.91
CA LEU B 373 13.49 39.14 17.47
C LEU B 373 15.01 39.01 17.35
N GLY B 374 15.70 40.02 16.79
CA GLY B 374 17.16 39.95 16.59
C GLY B 374 17.61 38.74 15.78
N LEU B 375 17.16 38.63 14.52
CA LEU B 375 17.50 37.49 13.63
C LEU B 375 18.37 37.89 12.43
N THR B 376 19.01 39.04 12.47
CA THR B 376 19.77 39.55 11.28
C THR B 376 21.06 38.78 10.96
N GLU B 377 21.56 37.94 11.86
CA GLU B 377 22.85 37.23 11.65
C GLU B 377 22.62 36.00 10.77
N GLY B 378 22.69 36.14 9.45
CA GLY B 378 22.63 35.03 8.48
C GLY B 378 21.29 34.95 7.75
N LEU B 379 20.28 35.70 8.19
CA LEU B 379 18.95 35.71 7.55
C LEU B 379 18.88 36.94 6.63
N SER B 380 18.63 36.72 5.34
CA SER B 380 18.09 37.73 4.38
C SER B 380 16.67 37.32 3.98
N ILE B 381 15.77 38.29 3.86
CA ILE B 381 14.34 38.11 3.53
C ILE B 381 14.12 38.81 2.20
N ILE B 382 13.57 38.17 1.18
CA ILE B 382 13.40 38.77 -0.19
C ILE B 382 12.00 38.46 -0.68
N ARG B 383 11.56 39.19 -1.70
CA ARG B 383 10.34 38.85 -2.47
C ARG B 383 10.69 37.61 -3.31
N PHE B 384 9.89 36.55 -3.23
CA PHE B 384 10.12 35.29 -3.99
C PHE B 384 8.75 34.69 -4.32
N SER B 385 8.26 34.99 -5.51
CA SER B 385 6.95 34.51 -6.00
C SER B 385 7.12 33.43 -7.07
N ARG B 386 6.65 32.21 -6.80
CA ARG B 386 6.72 31.09 -7.77
C ARG B 386 5.84 31.36 -9.00
N LYS B 387 4.95 32.35 -8.99
CA LYS B 387 4.15 32.72 -10.19
C LYS B 387 5.05 33.39 -11.22
N ASP B 388 6.24 33.87 -10.80
CA ASP B 388 7.22 34.62 -11.63
C ASP B 388 8.55 33.90 -11.56
N PRO B 389 8.74 32.89 -12.42
CA PRO B 389 9.97 32.10 -12.38
C PRO B 389 11.20 32.94 -12.77
N ALA B 390 11.04 33.89 -13.71
CA ALA B 390 12.07 34.88 -14.16
C ALA B 390 12.60 35.69 -12.97
N ALA B 391 11.70 36.37 -12.26
CA ALA B 391 11.97 37.07 -10.99
C ALA B 391 12.62 36.09 -9.97
N MET B 392 12.11 34.85 -9.82
CA MET B 392 12.70 33.83 -8.91
C MET B 392 14.17 33.61 -9.27
N GLU B 393 14.44 33.42 -10.55
CA GLU B 393 15.81 33.17 -11.07
C GLU B 393 16.71 34.36 -10.72
N ALA B 394 16.28 35.58 -11.09
CA ALA B 394 17.04 36.84 -10.85
C ALA B 394 17.37 36.97 -9.37
N ALA B 395 16.42 36.67 -8.49
CA ALA B 395 16.54 36.83 -7.03
C ALA B 395 17.63 35.89 -6.46
N LEU B 396 17.83 34.74 -7.10
CA LEU B 396 18.82 33.71 -6.65
C LEU B 396 20.21 34.08 -7.17
N GLU B 397 20.28 34.53 -8.44
CA GLU B 397 21.46 35.23 -9.00
C GLU B 397 21.86 36.39 -8.07
N GLU B 398 20.88 37.21 -7.64
CA GLU B 398 21.20 38.42 -6.86
C GLU B 398 21.72 37.97 -5.49
N TYR B 399 21.08 36.98 -4.85
CA TYR B 399 21.49 36.52 -3.50
C TYR B 399 22.89 35.93 -3.58
N THR B 400 23.17 35.12 -4.59
CA THR B 400 24.41 34.33 -4.75
C THR B 400 25.61 35.27 -5.04
N ARG B 401 25.35 36.47 -5.60
CA ARG B 401 26.37 37.55 -5.72
C ARG B 401 27.08 37.80 -4.38
N GLY B 402 26.45 37.54 -3.24
CA GLY B 402 27.07 37.50 -1.90
C GLY B 402 28.17 36.44 -1.74
N GLY B 403 28.29 35.47 -2.66
CA GLY B 403 29.39 34.50 -2.71
C GLY B 403 29.09 33.19 -2.01
N THR B 404 27.96 33.06 -1.29
CA THR B 404 27.50 31.78 -0.71
C THR B 404 26.37 31.23 -1.58
N PRO B 405 26.61 30.08 -2.24
CA PRO B 405 25.57 29.48 -3.09
C PRO B 405 24.49 28.79 -2.26
N ILE B 406 23.24 28.78 -2.75
CA ILE B 406 22.14 27.99 -2.11
C ILE B 406 22.43 26.51 -2.32
N SER B 407 22.59 25.76 -1.23
CA SER B 407 22.94 24.32 -1.22
C SER B 407 21.70 23.47 -0.90
N GLY B 408 20.64 24.11 -0.39
CA GLY B 408 19.45 23.44 0.14
C GLY B 408 18.21 24.29 -0.09
N ALA B 409 17.08 23.70 -0.46
CA ALA B 409 15.79 24.42 -0.69
C ALA B 409 14.68 23.75 0.11
N LEU B 410 13.83 24.54 0.78
CA LEU B 410 12.61 24.08 1.47
C LEU B 410 11.44 24.76 0.79
N PHE B 411 10.52 23.98 0.28
CA PHE B 411 9.31 24.50 -0.38
C PHE B 411 8.12 24.33 0.56
N MET B 412 7.34 25.40 0.75
CA MET B 412 6.08 25.42 1.50
C MET B 412 4.95 25.57 0.49
N PRO B 413 3.72 25.17 0.84
CA PRO B 413 2.58 25.40 -0.04
C PRO B 413 2.36 26.90 -0.28
N ALA B 414 1.91 27.24 -1.48
CA ALA B 414 1.66 28.62 -1.93
C ALA B 414 0.53 29.25 -1.11
N LEU B 415 -0.63 28.60 -1.07
CA LEU B 415 -1.89 29.20 -0.53
C LEU B 415 -1.91 29.03 0.99
N GLY B 416 -2.60 29.93 1.68
CA GLY B 416 -2.75 29.87 3.16
C GLY B 416 -3.52 28.63 3.60
N ALA B 417 -3.24 28.14 4.82
CA ALA B 417 -4.01 27.05 5.44
C ALA B 417 -5.49 27.23 5.09
N GLY B 418 -6.15 26.21 4.53
CA GLY B 418 -7.62 26.18 4.44
C GLY B 418 -8.13 27.05 3.31
N GLU B 419 -7.26 27.75 2.61
CA GLU B 419 -7.64 28.54 1.41
C GLU B 419 -8.33 27.57 0.43
N LEU B 420 -7.70 26.40 0.22
CA LEU B 420 -8.27 25.30 -0.59
C LEU B 420 -9.21 24.55 0.35
N SER B 421 -10.45 24.40 -0.07
CA SER B 421 -11.59 23.99 0.79
C SER B 421 -12.76 23.53 -0.09
N GLY B 422 -13.57 22.61 0.42
CA GLY B 422 -14.82 22.13 -0.21
C GLY B 422 -14.72 20.68 -0.67
N ALA B 423 -15.84 20.00 -0.85
CA ALA B 423 -15.88 18.69 -1.51
C ALA B 423 -15.31 18.91 -2.91
N VAL B 424 -14.73 17.90 -3.55
CA VAL B 424 -14.12 18.09 -4.90
C VAL B 424 -15.22 18.35 -5.97
N THR B 425 -16.50 18.00 -5.73
CA THR B 425 -17.59 18.13 -6.74
C THR B 425 -18.37 19.45 -6.55
N GLU B 426 -18.48 19.95 -5.33
CA GLU B 426 -19.32 21.15 -5.03
C GLU B 426 -18.42 22.37 -5.14
N ALA B 427 -17.17 22.22 -4.64
CA ALA B 427 -16.08 23.22 -4.55
C ALA B 427 -15.85 23.91 -5.91
N GLU B 428 -15.73 25.23 -5.82
CA GLU B 428 -16.04 26.21 -6.88
C GLU B 428 -15.11 26.01 -8.08
N ASP B 429 -15.34 26.84 -9.11
CA ASP B 429 -14.53 26.95 -10.35
C ASP B 429 -13.09 27.34 -9.96
N ASN B 430 -12.95 28.19 -8.94
CA ASN B 430 -11.66 28.70 -8.40
C ASN B 430 -10.88 27.60 -7.66
N ALA B 431 -11.56 26.54 -7.17
CA ALA B 431 -10.96 25.47 -6.33
C ALA B 431 -9.91 24.72 -7.16
N VAL B 432 -10.35 24.12 -8.26
CA VAL B 432 -9.45 23.38 -9.18
C VAL B 432 -8.45 24.33 -9.83
N GLU B 433 -8.85 25.57 -10.14
CA GLU B 433 -7.97 26.57 -10.80
C GLU B 433 -6.83 26.93 -9.82
N ALA B 434 -7.13 27.24 -8.56
CA ALA B 434 -6.11 27.56 -7.53
C ALA B 434 -5.18 26.35 -7.31
N LEU B 435 -5.72 25.15 -7.14
CA LEU B 435 -4.92 23.92 -6.89
C LEU B 435 -3.96 23.71 -8.07
N MET B 436 -4.46 23.86 -9.29
CA MET B 436 -3.64 23.65 -10.50
C MET B 436 -2.58 24.74 -10.61
N ASP B 437 -2.95 26.01 -10.39
CA ASP B 437 -2.12 27.21 -10.68
C ASP B 437 -1.15 27.55 -9.53
N ALA B 438 -1.68 27.77 -8.33
CA ALA B 438 -0.86 28.10 -7.14
C ALA B 438 -0.02 26.92 -6.64
N GLU B 439 -0.59 25.73 -6.60
CA GLU B 439 0.15 24.61 -5.96
C GLU B 439 0.79 23.66 -6.96
N LEU B 440 0.01 23.05 -7.85
CA LEU B 440 0.62 22.07 -8.77
C LEU B 440 1.58 22.75 -9.75
N ALA B 441 1.17 23.82 -10.40
CA ALA B 441 2.03 24.51 -11.38
C ALA B 441 3.24 25.11 -10.65
N GLY B 442 3.01 25.68 -9.48
CA GLY B 442 4.05 26.32 -8.67
C GLY B 442 5.13 25.34 -8.26
N ASN B 443 4.74 24.10 -7.96
CA ASN B 443 5.69 23.05 -7.52
C ASN B 443 6.65 22.75 -8.69
N MET B 444 6.15 22.81 -9.92
CA MET B 444 6.94 22.53 -11.14
C MET B 444 7.95 23.67 -11.33
N ALA B 445 7.50 24.92 -11.16
CA ALA B 445 8.30 26.16 -11.35
C ALA B 445 9.42 26.20 -10.30
N LEU B 446 9.14 25.92 -9.05
CA LEU B 446 10.19 25.78 -8.01
C LEU B 446 11.22 24.74 -8.45
N ALA B 447 10.74 23.57 -8.94
CA ALA B 447 11.60 22.42 -9.29
C ALA B 447 12.49 22.80 -10.46
N ARG B 448 11.93 23.45 -11.48
CA ARG B 448 12.70 23.85 -12.69
C ARG B 448 13.75 24.90 -12.32
N THR B 449 13.36 25.86 -11.47
CA THR B 449 14.20 26.99 -10.97
C THR B 449 15.41 26.44 -10.23
N MET B 450 15.25 25.56 -9.26
CA MET B 450 16.40 25.03 -8.47
C MET B 450 17.20 24.00 -9.28
N SER B 451 16.56 23.46 -10.30
CA SER B 451 17.18 22.47 -11.19
C SER B 451 18.18 23.24 -12.06
N ARG B 452 17.76 24.40 -12.53
CA ARG B 452 18.60 25.30 -13.36
C ARG B 452 19.70 25.92 -12.49
N TYR B 453 19.39 26.25 -11.25
CA TYR B 453 20.36 26.89 -10.33
C TYR B 453 21.49 25.88 -10.05
N TRP B 454 21.20 24.65 -9.69
CA TRP B 454 22.25 23.67 -9.30
C TRP B 454 22.96 23.05 -10.52
N LYS B 455 22.41 23.26 -11.71
CA LYS B 455 23.14 23.11 -12.98
C LYS B 455 24.34 24.08 -13.00
N ARG B 456 24.09 25.37 -12.70
CA ARG B 456 25.10 26.47 -12.83
C ARG B 456 26.10 26.44 -11.67
N HIS B 457 25.55 26.30 -10.47
CA HIS B 457 26.32 26.17 -9.20
C HIS B 457 26.38 24.68 -8.87
N ASP B 458 27.24 23.98 -9.60
CA ASP B 458 27.37 22.51 -9.56
C ASP B 458 28.60 22.11 -8.73
N ASN B 459 29.10 22.98 -7.88
CA ASN B 459 30.32 22.67 -7.08
C ASN B 459 30.10 22.96 -5.59
N LEU B 460 28.92 22.63 -5.07
CA LEU B 460 28.54 22.94 -3.67
C LEU B 460 29.36 22.15 -2.64
N LEU B 461 29.39 22.63 -1.40
CA LEU B 461 30.13 21.94 -0.31
C LEU B 461 29.55 20.53 -0.13
N GLN B 462 28.22 20.40 -0.19
CA GLN B 462 27.47 19.13 -0.11
C GLN B 462 26.58 19.03 -1.35
N PRO B 463 26.30 17.83 -1.91
CA PRO B 463 25.41 17.75 -3.07
C PRO B 463 24.05 18.34 -2.67
N PRO B 464 23.34 19.02 -3.58
CA PRO B 464 22.14 19.76 -3.21
C PRO B 464 20.95 18.90 -2.79
N ARG B 465 20.11 19.49 -1.94
CA ARG B 465 18.99 18.85 -1.20
C ARG B 465 17.81 19.80 -1.20
N PHE B 466 16.61 19.29 -1.53
CA PHE B 466 15.31 20.01 -1.45
C PHE B 466 14.41 19.24 -0.46
N VAL B 467 13.53 19.93 0.25
CA VAL B 467 12.46 19.38 1.12
C VAL B 467 11.19 20.14 0.77
N PHE B 468 10.14 19.44 0.34
CA PHE B 468 8.77 19.96 0.17
C PHE B 468 8.01 19.70 1.48
N VAL B 469 7.23 20.64 1.98
CA VAL B 469 6.54 20.50 3.29
C VAL B 469 5.04 20.64 3.02
N SER B 470 4.20 19.78 3.58
CA SER B 470 2.73 19.91 3.40
C SER B 470 2.19 20.96 4.38
N HIS B 471 0.95 21.40 4.20
CA HIS B 471 0.22 22.14 5.25
C HIS B 471 0.09 21.27 6.50
N ALA B 472 -0.15 21.93 7.62
CA ALA B 472 -0.78 21.31 8.80
C ALA B 472 -2.19 20.86 8.38
N SER B 473 -2.84 20.07 9.23
CA SER B 473 -4.21 19.55 9.01
C SER B 473 -5.19 20.72 8.94
N ASP B 474 -6.12 20.68 7.98
CA ASP B 474 -7.25 21.62 7.87
C ASP B 474 -8.39 21.13 8.78
N GLY B 475 -8.14 20.13 9.64
CA GLY B 475 -9.18 19.37 10.39
C GLY B 475 -10.43 19.05 9.57
N LYS B 476 -10.34 18.83 8.25
CA LYS B 476 -11.50 18.52 7.39
C LYS B 476 -11.23 17.34 6.45
N GLY B 477 -10.42 16.35 6.86
CA GLY B 477 -10.00 15.21 6.00
C GLY B 477 -8.84 15.50 5.03
N ASP B 478 -8.38 16.75 4.92
CA ASP B 478 -7.11 17.17 4.29
C ASP B 478 -7.16 16.83 2.80
N ILE B 479 -8.34 17.01 2.19
CA ILE B 479 -8.62 16.62 0.77
C ILE B 479 -7.45 17.08 -0.09
N TYR B 480 -7.01 18.32 0.07
CA TYR B 480 -6.01 19.00 -0.79
C TYR B 480 -4.59 18.65 -0.33
N GLY B 481 -4.39 18.50 0.98
CA GLY B 481 -3.18 17.85 1.54
C GLY B 481 -2.88 16.53 0.83
N HIS B 482 -3.87 15.66 0.63
CA HIS B 482 -3.70 14.35 -0.05
C HIS B 482 -3.41 14.55 -1.54
N ILE B 483 -4.15 15.39 -2.26
CA ILE B 483 -3.93 15.50 -3.72
C ILE B 483 -2.51 15.98 -3.98
N LEU B 484 -2.09 17.05 -3.29
CA LEU B 484 -0.72 17.62 -3.42
C LEU B 484 0.35 16.63 -2.94
N ARG B 485 0.11 15.89 -1.87
CA ARG B 485 1.11 14.92 -1.32
C ARG B 485 1.46 13.88 -2.38
N ALA B 486 0.43 13.33 -3.02
CA ALA B 486 0.58 12.35 -4.11
C ALA B 486 1.37 12.99 -5.28
N ALA B 487 1.06 14.23 -5.62
CA ALA B 487 1.60 14.87 -6.84
C ALA B 487 3.07 15.23 -6.57
N THR B 488 3.33 15.83 -5.43
CA THR B 488 4.69 16.17 -4.94
C THR B 488 5.56 14.90 -4.94
N GLU B 489 5.01 13.78 -4.47
CA GLU B 489 5.76 12.52 -4.32
C GLU B 489 6.23 12.13 -5.72
N GLN B 490 5.37 12.19 -6.72
CA GLN B 490 5.78 11.71 -8.06
C GLN B 490 6.75 12.73 -8.64
N LEU B 491 6.54 14.03 -8.40
CA LEU B 491 7.49 15.08 -8.83
C LEU B 491 8.86 14.81 -8.22
N ILE B 492 8.94 14.44 -6.95
CA ILE B 492 10.26 14.10 -6.33
C ILE B 492 10.86 12.88 -7.03
N ARG B 493 10.11 11.80 -7.22
CA ARG B 493 10.64 10.55 -7.83
C ARG B 493 11.17 10.89 -9.23
N ILE B 494 10.44 11.68 -10.03
CA ILE B 494 10.94 12.11 -11.36
C ILE B 494 12.20 12.94 -11.20
N TRP B 495 12.19 13.92 -10.30
CA TRP B 495 13.35 14.83 -10.09
C TRP B 495 14.55 14.00 -9.63
N ARG B 496 14.45 13.15 -8.62
CA ARG B 496 15.57 12.29 -8.17
C ARG B 496 16.14 11.55 -9.39
N ASP B 497 15.27 10.93 -10.18
CA ASP B 497 15.70 9.99 -11.23
C ASP B 497 16.37 10.79 -12.36
N GLU B 498 15.77 11.88 -12.82
CA GLU B 498 16.40 12.70 -13.90
C GLU B 498 17.82 13.10 -13.47
N SER B 499 17.97 13.58 -12.23
CA SER B 499 19.26 14.10 -11.70
C SER B 499 20.28 12.95 -11.59
N GLU B 500 19.84 11.75 -11.24
CA GLU B 500 20.73 10.57 -11.08
C GLU B 500 21.25 10.10 -12.46
N ILE B 501 20.40 10.13 -13.49
CA ILE B 501 20.80 9.70 -14.86
C ILE B 501 21.75 10.76 -15.42
N ASP B 502 21.38 12.05 -15.31
CA ASP B 502 22.16 13.20 -15.80
C ASP B 502 23.57 13.20 -15.20
N THR B 503 23.70 12.92 -13.90
CA THR B 503 24.99 12.85 -13.16
C THR B 503 25.82 11.68 -13.73
N ALA B 504 25.31 10.45 -13.63
CA ALA B 504 25.92 9.20 -14.16
C ALA B 504 26.43 9.40 -15.60
N HIS B 505 25.76 10.21 -16.43
CA HIS B 505 26.21 10.50 -17.82
C HIS B 505 27.15 11.72 -17.86
N GLY B 506 27.45 12.34 -16.72
CA GLY B 506 28.39 13.48 -16.63
C GLY B 506 27.81 14.81 -17.14
N ARG B 507 26.49 14.95 -17.34
CA ARG B 507 25.87 16.26 -17.66
C ARG B 507 25.75 17.10 -16.39
N ARG B 508 25.93 16.47 -15.22
CA ARG B 508 25.91 17.18 -13.91
C ARG B 508 27.03 16.62 -13.06
N ARG B 509 27.62 17.44 -12.20
CA ARG B 509 28.71 16.95 -11.31
C ARG B 509 28.07 16.47 -10.01
N GLN B 510 26.96 17.08 -9.58
CA GLN B 510 26.34 16.83 -8.25
C GLN B 510 24.88 16.46 -8.47
N ALA B 511 24.49 15.27 -8.02
CA ALA B 511 23.12 14.73 -8.12
C ALA B 511 22.26 15.33 -7.01
N GLU B 512 21.05 15.77 -7.39
CA GLU B 512 20.04 16.43 -6.53
C GLU B 512 19.18 15.34 -5.89
N TRP B 513 18.95 15.43 -4.58
CA TRP B 513 18.14 14.44 -3.81
C TRP B 513 17.21 15.20 -2.90
N GLY B 514 16.10 14.60 -2.52
CA GLY B 514 15.12 15.29 -1.66
C GLY B 514 13.98 14.42 -1.21
N ASN B 515 13.18 14.98 -0.32
CA ASN B 515 12.09 14.30 0.41
C ASN B 515 10.90 15.26 0.49
N GLN B 516 9.77 14.72 0.93
CA GLN B 516 8.57 15.48 1.32
C GLN B 516 8.30 15.18 2.80
N ILE B 517 7.98 16.19 3.60
CA ILE B 517 7.55 15.98 5.00
C ILE B 517 6.06 16.29 5.04
N VAL B 518 5.24 15.35 5.50
CA VAL B 518 3.78 15.52 5.68
C VAL B 518 3.55 15.83 7.15
N ARG B 519 2.98 17.00 7.42
CA ARG B 519 2.68 17.50 8.78
C ARG B 519 1.26 17.08 9.21
N PHE B 520 0.38 16.83 8.24
CA PHE B 520 -1.08 16.82 8.47
C PHE B 520 -1.53 15.51 9.15
N THR B 521 -0.61 14.59 9.46
CA THR B 521 -0.87 13.37 10.26
C THR B 521 -0.74 13.67 11.76
N ASN B 522 -0.31 14.89 12.13
CA ASN B 522 -0.10 15.34 13.54
C ASN B 522 -0.68 16.75 13.76
N THR B 523 -1.44 16.95 14.84
CA THR B 523 -2.13 18.23 15.17
C THR B 523 -1.65 18.74 16.53
N GLU B 524 -0.44 18.35 16.93
CA GLU B 524 0.19 18.77 18.20
C GLU B 524 0.83 20.15 18.06
N ALA B 525 1.02 20.85 19.17
CA ALA B 525 1.60 22.22 19.23
C ALA B 525 3.04 22.23 18.71
N GLU B 526 3.76 21.13 18.95
CA GLU B 526 5.20 20.98 18.63
C GLU B 526 5.42 20.56 17.17
N ASN B 527 4.35 20.49 16.41
CA ASN B 527 4.39 19.98 15.03
C ASN B 527 5.40 20.77 14.19
N ILE B 528 5.42 22.09 14.32
CA ILE B 528 6.24 22.85 13.33
C ILE B 528 7.72 22.78 13.70
N ARG B 529 8.06 22.85 14.98
CA ARG B 529 9.49 22.84 15.38
C ARG B 529 10.05 21.44 15.06
N PHE B 530 9.22 20.40 15.21
CA PHE B 530 9.55 19.00 14.87
C PHE B 530 9.75 18.93 13.35
N THR B 531 8.80 19.46 12.60
CA THR B 531 8.85 19.41 11.12
C THR B 531 10.12 20.14 10.67
N ALA B 532 10.40 21.25 11.35
CA ALA B 532 11.50 22.17 11.04
C ALA B 532 12.85 21.50 11.33
N GLY B 533 12.91 20.85 12.49
CA GLY B 533 14.08 20.07 12.92
C GLY B 533 14.40 19.01 11.88
N HIS B 534 13.40 18.35 11.30
CA HIS B 534 13.62 17.19 10.39
C HIS B 534 13.99 17.71 9.02
N ALA B 535 13.58 18.93 8.70
CA ALA B 535 13.94 19.61 7.43
C ALA B 535 15.42 19.97 7.51
N ALA B 536 15.86 20.49 8.66
CA ALA B 536 17.28 20.82 8.90
C ALA B 536 18.15 19.59 8.65
N ARG B 537 17.71 18.39 9.09
CA ARG B 537 18.53 17.16 8.98
C ARG B 537 18.68 16.76 7.52
N ILE B 538 17.61 16.90 6.75
CA ILE B 538 17.65 16.57 5.30
C ILE B 538 18.52 17.61 4.60
N LEU B 539 18.44 18.88 4.99
CA LEU B 539 19.12 19.98 4.23
C LEU B 539 20.60 20.15 4.65
N LEU B 540 20.94 19.95 5.91
CA LEU B 540 22.26 20.40 6.43
C LEU B 540 23.18 19.20 6.72
N LYS B 541 22.67 18.10 7.27
CA LYS B 541 23.45 16.82 7.43
C LYS B 541 23.71 16.18 6.06
N GLU B 542 24.80 15.41 5.96
CA GLU B 542 25.15 14.60 4.77
C GLU B 542 24.42 13.26 4.87
N SER B 543 23.34 13.11 4.09
CA SER B 543 22.37 11.99 4.19
C SER B 543 21.63 11.84 2.86
N LYS B 544 21.11 10.64 2.64
CA LYS B 544 20.20 10.25 1.54
C LYS B 544 19.09 9.42 2.21
N LEU B 545 17.90 10.00 2.33
CA LEU B 545 16.71 9.32 2.91
C LEU B 545 16.02 8.61 1.76
N GLY B 546 16.10 7.28 1.70
CA GLY B 546 15.55 6.48 0.59
C GLY B 546 14.10 6.82 0.30
N GLU B 547 13.23 6.82 1.32
CA GLU B 547 11.75 6.98 1.16
C GLU B 547 11.47 8.43 0.78
N ILE B 548 10.58 8.66 -0.17
CA ILE B 548 10.24 10.01 -0.67
C ILE B 548 9.50 10.77 0.43
N THR B 549 8.37 10.23 0.89
CA THR B 549 7.46 10.95 1.81
C THR B 549 7.63 10.48 3.25
N LEU B 550 7.86 11.43 4.17
CA LEU B 550 8.03 11.09 5.59
C LEU B 550 6.93 11.82 6.37
N TYR B 551 6.26 11.07 7.25
CA TYR B 551 5.06 11.54 7.98
C TYR B 551 5.49 11.84 9.41
N VAL B 552 4.89 12.89 9.98
CA VAL B 552 5.03 13.17 11.42
C VAL B 552 4.07 12.23 12.15
N PRO B 553 4.54 11.51 13.19
CA PRO B 553 3.68 10.57 13.91
C PRO B 553 2.57 11.35 14.60
N ALA B 554 1.41 10.71 14.82
CA ALA B 554 0.21 11.32 15.44
C ALA B 554 0.53 11.78 16.87
N ASN B 555 1.36 11.07 17.62
CA ASN B 555 1.79 11.56 18.96
C ASN B 555 3.30 11.52 19.03
N ILE B 556 3.94 12.69 19.01
CA ILE B 556 5.43 12.82 18.91
C ILE B 556 6.06 12.31 20.22
N GLY B 557 5.50 12.67 21.36
CA GLY B 557 6.04 12.21 22.64
C GLY B 557 6.16 10.71 22.68
N GLU B 558 5.04 10.01 22.47
CA GLU B 558 4.99 8.53 22.50
C GLU B 558 5.86 7.92 21.41
N ALA B 559 5.78 8.48 20.20
CA ALA B 559 6.49 7.95 19.01
C ALA B 559 8.02 7.97 19.18
N THR B 560 8.55 9.09 19.72
CA THR B 560 10.01 9.24 19.93
C THR B 560 10.31 9.13 21.43
N GLY B 561 11.59 9.28 21.80
CA GLY B 561 12.00 9.19 23.21
C GLY B 561 11.37 10.28 24.06
N ALA B 562 11.31 11.50 23.53
CA ALA B 562 10.71 12.64 24.25
C ALA B 562 9.31 12.27 24.74
#